data_1NTL
#
_entry.id   1NTL
#
_cell.length_a   1.0
_cell.length_b   1.0
_cell.length_c   1.0
_cell.angle_alpha   90.0
_cell.angle_beta   90.0
_cell.angle_gamma   90.0
#
_symmetry.space_group_name_H-M   'P 1'
#
_entity_poly.entity_id   1
_entity_poly.type   'polypeptide(L)'
_entity_poly.pdbx_seq_one_letter_code
;DHCPAPSQLPSAKPINLTDESMFPIGTYLLYECLPGYIKRQFSITCKQDSTWTSAEDKCIRKQCKTPSDPENGLVHVHTG
IEFGSRINYTCNQGYRLIGSSSAVCVITDQSVDWDTEAPICEWIPCEIPPGIPNGDFFSSTREDFHYGMVVTYRCNTDAR
GKALFNLVGEPSLYCTSNDGEIGVWSGPPPQCIELNKCTPPPYVENAVMLSENRSLFSLRDIVEFRCHPGFIMKGASSVH
CQSLNKWEPELPSCFKGVICRLPQEMSGFQKGLGMKKEYYYGENVTLECEDGYTLEGSSQSQCQSDGSWNPLLAKCVSRL
ADPEVPRDCGCKPCICTVPEVSSVFIFPPKPKDVLTITLTPKVTCVVVDISKDDPEVQFSWFVDDVEVHTAQTQPREEQF
NSTFRSVSELPIMHQDWLNGKEFKCRVNSAAFPAPIEKTISKTKGRPKAPQLYTIPPPKEQMAKDKVSLTCMITDFFPED
ITVEWQWNGQPAENYKNTQPIMNTNGSYFVYSKLNVQKSNWEAGNTFTCSVLHEGLHNHHTEKSLSHSPGK
;
_entity_poly.pdbx_strand_id   A,B
#
# COMPACT_ATOMS: atom_id res chain seq x y z
CA ASP A 1 76.38 13.23 -92.20
CA HIS A 2 75.43 9.99 -93.92
CA CYS A 3 72.78 7.69 -92.51
CA PRO A 4 71.19 4.56 -93.91
CA ALA A 5 67.24 4.04 -93.29
CA PRO A 6 64.10 1.83 -92.81
CA SER A 7 60.68 2.11 -91.02
CA GLN A 8 60.93 0.15 -87.64
CA LEU A 9 58.65 -2.78 -86.60
CA PRO A 10 56.45 -0.80 -83.79
CA SER A 11 55.48 2.46 -85.53
CA ALA A 12 56.08 4.44 -88.69
CA LYS A 13 58.96 6.76 -89.49
CA PRO A 14 58.61 9.98 -91.40
CA ILE A 15 60.07 10.92 -93.94
CA ASN A 16 61.14 7.31 -94.78
CA LEU A 17 64.10 7.31 -97.14
CA THR A 18 66.92 4.88 -97.94
CA ASP A 19 69.93 5.07 -99.66
CA GLU A 20 71.60 8.21 -100.88
CA SER A 21 74.26 9.26 -98.33
CA MET A 22 73.78 12.20 -95.85
CA PHE A 23 76.96 14.37 -96.08
CA PRO A 24 75.94 17.04 -93.37
CA ILE A 25 74.60 15.92 -89.91
CA GLY A 26 71.31 17.14 -90.49
CA THR A 27 68.07 15.76 -91.88
CA TYR A 28 65.44 14.82 -89.43
CA LEU A 29 63.18 11.75 -89.01
CA LEU A 30 60.31 11.15 -86.59
CA TYR A 31 59.10 7.79 -85.15
CA GLU A 32 55.36 7.57 -84.06
CA CYS A 33 53.42 4.65 -82.79
CA LEU A 34 50.71 3.35 -85.12
CA PRO A 35 47.13 4.34 -84.22
CA GLY A 36 46.06 2.10 -81.36
CA TYR A 37 49.49 1.71 -79.83
CA ILE A 38 51.28 3.87 -77.30
CA LYS A 39 54.78 4.20 -75.99
CA ARG A 40 55.61 7.21 -77.34
CA GLN A 41 59.06 8.58 -78.66
CA PHE A 42 61.49 10.04 -81.25
CA SER A 43 65.25 10.35 -81.66
CA ILE A 44 67.53 12.33 -83.90
CA THR A 45 68.53 10.12 -86.61
CA CYS A 46 71.23 11.94 -88.78
CA LYS A 47 74.60 12.90 -87.41
CA GLN A 48 77.85 13.57 -89.22
CA ASP A 49 79.10 10.07 -88.42
CA SER A 50 76.27 8.48 -90.39
CA THR A 51 75.09 6.33 -87.42
CA TRP A 52 71.50 6.65 -86.19
CA THR A 53 71.56 6.76 -82.37
CA SER A 54 69.99 4.30 -79.92
CA ALA A 55 66.18 4.14 -80.17
CA GLU A 56 64.30 3.50 -77.02
CA ASP A 57 60.79 3.78 -78.50
CA LYS A 58 58.70 0.87 -77.34
CA CYS A 59 55.16 0.43 -78.76
CA ILE A 60 54.52 -3.08 -77.18
CA ARG A 61 54.21 -4.59 -73.47
CA LYS A 62 53.53 -8.07 -71.45
CA GLN A 63 52.75 -8.19 -67.51
CA CYS A 64 53.18 -11.00 -64.48
CA LYS A 65 52.78 -14.95 -64.39
CA THR A 66 49.76 -16.42 -62.57
CA PRO A 67 50.30 -17.04 -58.72
CA SER A 68 49.44 -20.68 -57.29
CA ASP A 69 50.14 -21.03 -53.45
CA PRO A 70 50.11 -24.68 -51.82
CA GLU A 71 49.11 -24.88 -48.06
CA ASN A 72 48.41 -21.25 -47.88
CA GLY A 73 46.60 -18.32 -49.22
CA LEU A 74 47.52 -15.52 -51.64
CA VAL A 75 45.84 -12.07 -51.38
CA HIS A 76 45.52 -10.27 -54.73
CA VAL A 77 43.40 -9.17 -57.70
CA HIS A 78 44.52 -9.06 -61.42
CA THR A 79 44.81 -5.26 -60.57
CA GLY A 80 46.82 -6.85 -57.77
CA ILE A 81 48.97 -9.05 -60.36
CA GLU A 82 49.51 -6.68 -63.37
CA PHE A 83 52.25 -4.10 -63.10
CA GLY A 84 52.55 -2.50 -60.61
CA SER A 85 50.45 -4.53 -58.16
CA ARG A 86 51.53 -6.28 -54.99
CA ILE A 87 50.43 -9.68 -53.83
CA ASN A 88 50.77 -10.98 -50.24
CA TYR A 89 51.12 -14.51 -48.84
CA THR A 90 50.37 -16.47 -45.70
CA CYS A 91 50.31 -20.09 -44.65
CA ASN A 92 47.77 -22.48 -43.24
CA GLN A 93 47.98 -23.63 -39.63
CA GLY A 94 50.95 -25.93 -39.29
CA TYR A 95 53.05 -24.37 -42.05
CA ARG A 96 55.49 -21.46 -42.22
CA LEU A 97 56.25 -19.15 -45.12
CA ILE A 98 59.56 -20.02 -46.63
CA GLY A 99 60.33 -16.72 -48.38
CA SER A 100 59.01 -13.11 -48.48
CA SER A 101 55.46 -12.52 -47.54
CA SER A 102 54.80 -10.01 -50.23
CA ALA A 103 55.84 -9.53 -53.84
CA VAL A 104 55.41 -6.85 -56.50
CA CYS A 105 54.92 -7.17 -60.21
CA VAL A 106 57.81 -5.17 -61.76
CA ILE A 107 58.21 -4.08 -65.78
CA THR A 108 59.98 -2.49 -68.65
CA ASP A 109 58.52 -3.49 -72.19
CA GLN A 110 55.32 -5.82 -71.71
CA SER A 111 57.62 -8.45 -69.89
CA VAL A 112 57.10 -8.60 -66.19
CA ASP A 113 58.68 -10.58 -63.06
CA TRP A 114 57.76 -11.08 -59.43
CA ASP A 115 60.03 -9.41 -56.93
CA THR A 116 61.08 -10.87 -54.60
CA GLU A 117 60.62 -14.40 -55.91
CA ALA A 118 57.43 -16.16 -54.83
CA PRO A 119 57.33 -18.27 -51.48
CA ILE A 120 56.07 -21.93 -51.35
CA CYS A 121 53.77 -23.68 -48.85
CA GLU A 122 51.40 -26.58 -47.93
CA TRP A 123 48.96 -27.76 -45.05
CA ILE A 124 49.05 -28.07 -41.14
CA PRO A 125 47.55 -30.81 -39.14
CA CYS A 126 45.01 -30.30 -36.42
CA GLU A 127 45.00 -27.80 -33.49
CA ILE A 128 43.49 -28.07 -29.89
CA PRO A 129 39.82 -29.59 -29.94
CA PRO A 130 36.78 -27.18 -29.34
CA GLY A 131 36.43 -26.49 -25.56
CA ILE A 132 33.71 -23.77 -24.90
CA PRO A 133 30.64 -25.50 -23.84
CA ASN A 134 32.56 -28.79 -23.64
CA GLY A 135 32.83 -30.61 -20.23
CA ASP A 136 36.57 -31.60 -19.80
CA PHE A 137 39.87 -32.45 -21.63
CA PHE A 138 41.61 -35.94 -21.12
CA SER A 139 42.64 -39.08 -23.33
CA SER A 140 46.15 -39.33 -25.35
CA THR A 141 45.73 -35.64 -26.54
CA ARG A 142 47.85 -33.10 -24.47
CA GLU A 143 50.06 -30.74 -26.67
CA ASP A 144 51.62 -32.74 -29.68
CA PHE A 145 48.43 -32.51 -31.95
CA HIS A 146 48.93 -34.10 -35.49
CA TYR A 147 45.91 -36.15 -37.00
CA GLY A 148 43.47 -39.05 -35.92
CA MET A 149 44.08 -38.47 -32.13
CA VAL A 150 40.82 -39.14 -30.08
CA VAL A 151 39.76 -36.77 -27.18
CA THR A 152 37.08 -37.88 -24.59
CA TYR A 153 35.16 -35.14 -22.52
CA ARG A 154 33.51 -34.98 -18.90
CA CYS A 155 32.53 -31.92 -16.56
CA ASN A 156 33.19 -28.67 -14.58
CA THR A 157 31.46 -28.53 -11.09
CA ASP A 158 31.79 -25.80 -8.35
CA ALA A 159 33.21 -27.09 -4.92
CA ARG A 160 29.55 -26.90 -3.59
CA GLY A 161 28.84 -30.13 -5.79
CA LYS A 162 26.49 -28.50 -8.43
CA ALA A 163 27.39 -28.56 -12.22
CA LEU A 164 27.83 -25.48 -14.38
CA PHE A 165 28.93 -27.50 -17.56
CA ASN A 166 28.97 -31.34 -18.56
CA LEU A 167 28.61 -33.01 -21.98
CA VAL A 168 25.37 -34.83 -23.03
CA GLY A 169 25.83 -35.91 -26.77
CA GLU A 170 29.10 -37.15 -28.45
CA PRO A 171 31.33 -38.23 -25.30
CA SER A 172 34.44 -38.51 -27.67
CA LEU A 173 35.67 -36.63 -30.86
CA TYR A 174 38.75 -37.12 -33.23
CA CYS A 175 41.01 -35.02 -35.58
CA THR A 176 39.64 -35.08 -39.22
CA SER A 177 39.85 -33.00 -42.53
CA ASN A 178 36.99 -31.15 -44.50
CA ASP A 179 38.83 -27.93 -45.93
CA GLY A 180 42.69 -28.76 -46.27
CA GLU A 181 43.89 -25.55 -44.46
CA ILE A 182 41.17 -25.61 -41.62
CA GLY A 183 41.00 -29.47 -41.04
CA VAL A 184 38.05 -29.86 -38.59
CA TRP A 185 37.43 -31.84 -35.44
CA SER A 186 33.99 -33.73 -35.79
CA GLY A 187 32.43 -30.81 -33.84
CA PRO A 188 31.28 -29.12 -30.56
CA PRO A 189 27.82 -31.01 -30.05
CA PRO A 190 29.17 -31.75 -26.40
CA GLN A 191 26.67 -29.62 -24.35
CA CYS A 192 26.15 -29.30 -20.68
CA ILE A 193 23.63 -27.53 -18.58
CA GLU A 194 23.70 -23.79 -17.47
CA LEU A 195 21.91 -20.98 -15.39
CA ASN A 196 23.55 -17.79 -14.01
CA LYS A 197 21.99 -14.57 -12.68
CA CYS A 198 22.19 -12.10 -10.12
CA THR A 199 18.72 -10.95 -11.10
CA PRO A 200 16.34 -8.08 -9.76
CA PRO A 201 17.28 -6.59 -6.40
CA PRO A 202 14.72 -7.26 -3.81
CA TYR A 203 11.92 -4.73 -3.33
CA VAL A 204 11.11 -3.23 0.03
CA GLU A 205 8.31 -1.29 1.60
CA ASN A 206 10.69 1.28 3.08
CA ALA A 207 13.63 1.21 0.63
CA VAL A 208 13.69 2.11 -3.08
CA MET A 209 16.59 0.93 -5.23
CA LEU A 210 15.51 2.86 -8.39
CA SER A 211 15.33 1.68 -12.08
CA GLU A 212 19.07 1.50 -11.49
CA ASN A 213 17.53 -2.04 -12.00
CA ARG A 214 19.16 -4.25 -14.59
CA SER A 215 18.13 -7.76 -15.77
CA LEU A 216 21.50 -9.32 -14.84
CA PHE A 217 24.09 -8.27 -12.24
CA SER A 218 27.69 -9.44 -12.04
CA LEU A 219 29.11 -11.34 -9.09
CA ARG A 220 30.56 -8.67 -6.81
CA ASP A 221 28.16 -6.05 -8.13
CA ILE A 222 26.73 -3.76 -5.46
CA VAL A 223 23.29 -2.14 -5.38
CA GLU A 224 22.30 0.70 -3.06
CA PHE A 225 18.87 1.72 -1.82
CA ARG A 226 17.29 4.81 -0.39
CA CYS A 227 14.58 5.43 2.07
CA HIS A 228 11.29 5.98 0.35
CA PRO A 229 10.00 9.55 0.63
CA GLY A 230 8.11 9.44 3.92
CA PHE A 231 11.12 7.82 5.60
CA ILE A 232 13.99 8.80 7.85
CA MET A 233 17.29 6.88 7.64
CA LYS A 234 19.08 5.97 10.81
CA GLY A 235 22.44 3.74 10.23
CA ALA A 236 23.45 1.77 7.04
CA SER A 237 22.48 -0.66 4.06
CA SER A 238 23.70 -1.99 0.51
CA VAL A 239 23.66 -5.57 -1.05
CA HIS A 240 25.93 -7.61 -3.28
CA CYS A 241 25.76 -10.45 -5.76
CA GLN A 242 27.46 -13.60 -4.47
CA SER A 243 28.32 -17.13 -5.69
CA LEU A 244 24.89 -18.67 -5.58
CA ASN A 245 24.35 -15.56 -7.79
CA LYS A 246 22.04 -14.48 -4.96
CA TRP A 247 21.98 -11.15 -3.10
CA GLU A 248 23.35 -10.85 0.40
CA PRO A 249 20.54 -10.51 2.94
CA GLU A 250 19.01 -7.21 4.02
CA LEU A 251 16.78 -6.46 7.04
CA PRO A 252 16.75 -2.40 6.99
CA SER A 253 14.47 0.17 8.72
CA CYS A 254 12.98 3.22 7.08
CA PHE A 255 9.16 3.64 8.71
CA LYS A 256 10.32 4.85 12.25
CA GLY A 257 11.53 2.72 15.06
CA VAL A 258 12.94 2.18 18.38
CA ILE A 259 11.21 3.30 21.69
CA CYS A 260 9.67 0.61 24.06
CA ARG A 261 8.98 -2.98 24.79
CA LEU A 262 5.39 -3.07 26.09
CA PRO A 263 3.45 -1.96 29.19
CA GLN A 264 2.47 -5.39 29.97
CA GLU A 265 1.68 -6.87 33.39
CA MET A 266 0.11 -9.84 35.22
CA SER A 267 -3.62 -9.54 34.45
CA GLY A 268 -3.27 -5.79 35.11
CA PHE A 269 -2.60 -4.22 31.68
CA GLN A 270 -3.28 -0.56 31.01
CA LYS A 271 -6.29 1.10 29.36
CA GLY A 272 -5.38 4.82 29.11
CA LEU A 273 -2.68 5.70 26.56
CA GLY A 274 -1.17 2.47 25.20
CA MET A 275 0.32 1.87 21.73
CA LYS A 276 2.22 -0.76 19.72
CA LYS A 277 6.00 -1.61 18.58
CA GLU A 278 6.13 0.97 15.89
CA TYR A 279 4.76 3.41 18.61
CA TYR A 280 7.68 5.66 19.50
CA TYR A 281 6.30 8.93 21.35
CA GLY A 282 6.61 10.06 25.27
CA GLU A 283 3.81 7.81 26.84
CA ASN A 284 2.41 7.23 30.34
CA VAL A 285 0.25 4.08 30.54
CA THR A 286 -2.27 3.69 33.39
CA LEU A 287 -2.54 0.06 34.52
CA GLU A 288 -6.04 -1.37 34.97
CA CYS A 289 -5.85 -4.45 37.22
CA GLU A 290 -7.89 -7.19 35.49
CA ASP A 291 -10.46 -7.77 38.28
CA GLY A 292 -10.35 -8.30 42.07
CA TYR A 293 -6.57 -7.70 42.17
CA THR A 294 -4.13 -5.01 43.36
CA LEU A 295 -1.45 -3.64 41.03
CA GLU A 296 1.66 -4.45 43.08
CA GLY A 297 4.10 -1.81 41.76
CA SER A 298 2.60 1.20 39.94
CA SER A 299 -0.87 1.59 38.38
CA GLN A 300 0.58 4.40 36.22
CA SER A 301 3.90 4.08 34.36
CA GLN A 302 5.56 5.79 31.42
CA CYS A 303 7.93 4.57 28.71
CA GLN A 304 11.18 6.26 29.85
CA SER A 305 14.78 5.91 28.43
CA ASP A 306 16.42 2.53 27.04
CA GLY A 307 15.58 0.69 30.07
CA SER A 308 11.92 -0.47 30.17
CA TRP A 309 8.54 1.01 31.44
CA ASN A 310 8.76 3.34 34.38
CA PRO A 311 8.30 2.76 37.28
CA LEU A 312 8.45 -1.06 37.13
CA LEU A 313 5.16 -2.25 35.59
CA ALA A 314 2.51 -2.90 38.22
CA LYS A 315 1.44 -6.42 39.24
CA CYS A 316 -2.29 -7.28 39.45
CA VAL A 317 -1.54 -9.07 42.86
CA SER A 318 -4.21 -11.89 42.90
CA ARG A 319 -3.18 -14.94 45.21
CA LEU A 320 -6.45 -16.73 45.98
CA ALA A 321 -7.85 -20.43 46.18
CA ASP A 322 -11.39 -22.23 46.18
CA PRO A 323 -12.99 -24.69 49.00
CA GLU A 324 -14.57 -27.12 46.28
CA VAL A 325 -15.73 -29.43 49.26
CA PRO A 326 -19.10 -30.92 50.71
CA ARG A 327 -20.82 -28.87 53.53
CA ASP A 328 -24.17 -29.63 55.41
CA CYS A 329 -26.12 -26.22 54.74
CA GLY A 330 -27.24 -25.21 57.38
CA CYS A 331 -27.90 -28.10 59.87
CA LYS A 332 -26.83 -29.27 63.27
CA PRO A 333 -25.10 -32.96 63.36
CA CYS A 334 -25.97 -34.24 66.84
CA ILE A 335 -26.15 -37.63 68.45
CA CYS A 336 -28.07 -36.78 71.55
CA THR A 337 -28.45 -39.30 74.47
CA VAL A 338 -30.20 -36.76 76.92
CA PRO A 339 -32.52 -33.92 75.15
CA GLU A 340 -32.67 -30.00 75.71
CA VAL A 341 -34.78 -27.12 77.29
CA SER A 342 -38.11 -28.59 78.53
CA SER A 343 -38.18 -32.10 76.74
CA VAL A 344 -41.51 -32.87 74.61
CA PHE A 345 -41.18 -34.81 71.38
CA ILE A 346 -43.98 -35.20 68.85
CA PHE A 347 -43.90 -38.40 66.81
CA PRO A 348 -45.73 -39.09 63.47
CA PRO A 349 -48.32 -41.89 63.09
CA LYS A 350 -47.37 -45.23 61.55
CA PRO A 351 -47.88 -45.27 57.74
CA LYS A 352 -50.00 -48.43 58.07
CA ASP A 353 -52.46 -46.56 60.32
CA VAL A 354 -52.77 -43.67 57.86
CA LEU A 355 -53.34 -46.20 55.06
CA THR A 356 -55.56 -49.02 56.39
CA ILE A 357 -58.95 -47.31 56.52
CA THR A 358 -60.33 -49.33 59.50
CA LEU A 359 -57.28 -48.31 61.56
CA THR A 360 -57.23 -44.86 63.18
CA PRO A 361 -53.92 -42.87 62.81
CA LYS A 362 -52.87 -41.63 66.28
CA VAL A 363 -50.22 -38.92 66.54
CA THR A 364 -48.16 -38.89 69.72
CA CYS A 365 -46.34 -36.25 71.72
CA VAL A 366 -44.65 -37.10 75.02
CA VAL A 367 -42.68 -35.21 77.71
CA VAL A 368 -39.55 -36.64 79.43
CA ASP A 369 -37.80 -34.74 82.26
CA ILE A 370 -40.64 -34.91 84.83
CA SER A 371 -39.93 -34.96 88.58
CA LYS A 372 -42.12 -35.46 91.64
CA ASP A 373 -43.71 -32.03 91.06
CA ASP A 374 -44.76 -31.53 87.40
CA PRO A 375 -48.58 -32.02 87.57
CA GLU A 376 -50.64 -33.57 85.04
CA VAL A 377 -49.29 -31.34 82.31
CA GLN A 378 -52.49 -30.56 80.52
CA PHE A 379 -51.91 -31.51 76.86
CA SER A 380 -53.72 -29.60 74.08
CA TRP A 381 -53.46 -30.04 70.29
CA PHE A 382 -53.84 -27.69 67.31
CA VAL A 383 -54.86 -28.99 63.86
CA ASP A 384 -54.05 -25.77 61.91
CA ASP A 385 -54.57 -23.01 64.51
CA VAL A 386 -57.79 -24.63 65.75
CA GLU A 387 -57.64 -26.57 68.90
CA VAL A 388 -59.50 -29.89 69.55
CA HIS A 389 -60.48 -32.58 72.07
CA THR A 390 -57.85 -35.34 71.99
CA ALA A 391 -59.53 -38.50 73.41
CA GLN A 392 -58.43 -37.97 77.05
CA THR A 393 -55.09 -39.24 75.71
CA GLN A 394 -53.21 -39.12 79.00
CA PRO A 395 -51.92 -42.50 80.27
CA ARG A 396 -49.27 -40.18 81.75
CA GLU A 397 -46.55 -40.54 84.41
CA GLU A 398 -44.46 -43.70 84.41
CA GLN A 399 -41.67 -43.93 86.98
CA PHE A 400 -38.76 -44.31 84.52
CA ASN A 401 -34.95 -44.17 85.02
CA SER A 402 -35.39 -41.47 87.67
CA THR A 403 -38.06 -39.30 86.04
CA PHE A 404 -41.60 -39.92 84.68
CA ARG A 405 -43.13 -39.71 81.18
CA SER A 406 -46.54 -38.31 80.20
CA VAL A 407 -48.04 -39.59 76.95
CA SER A 408 -50.67 -37.99 74.66
CA GLU A 409 -51.77 -40.39 71.85
CA LEU A 410 -54.46 -38.34 70.07
CA PRO A 411 -56.17 -40.13 67.14
CA ILE A 412 -56.98 -38.21 63.96
CA MET A 413 -58.67 -38.61 60.57
CA HIS A 414 -56.57 -40.24 57.81
CA GLN A 415 -57.25 -37.65 55.12
CA ASP A 416 -56.12 -34.84 57.52
CA TRP A 417 -52.48 -35.91 57.65
CA LEU A 418 -52.75 -37.09 54.04
CA ASN A 419 -53.94 -33.65 52.95
CA GLY A 420 -51.10 -32.19 55.02
CA LYS A 421 -52.20 -30.60 58.30
CA GLU A 422 -50.00 -29.39 61.24
CA PHE A 423 -50.12 -30.83 64.81
CA LYS A 424 -49.30 -28.48 67.71
CA CYS A 425 -49.16 -30.05 71.16
CA ARG A 426 -49.46 -27.06 73.56
CA VAL A 427 -48.85 -27.89 77.21
CA ASN A 428 -48.84 -25.91 80.45
CA SER A 429 -47.34 -26.72 83.84
CA ALA A 430 -46.27 -24.87 87.01
CA ALA A 431 -42.50 -25.21 86.37
CA PHE A 432 -42.78 -24.36 82.63
CA PRO A 433 -41.21 -20.96 81.69
CA ALA A 434 -43.34 -21.03 78.53
CA PRO A 435 -46.27 -23.20 77.23
CA ILE A 436 -44.27 -25.14 74.62
CA GLU A 437 -45.62 -27.04 71.59
CA LYS A 438 -44.43 -28.70 68.37
CA THR A 439 -46.15 -29.63 65.13
CA ILE A 440 -45.61 -32.65 62.87
CA SER A 441 -47.15 -32.03 59.40
CA LYS A 442 -45.77 -34.35 56.67
CA THR A 443 -42.76 -35.16 54.46
CA LYS A 444 -43.72 -32.76 51.66
CA GLY A 445 -43.37 -32.79 47.91
CA ARG A 446 -45.03 -34.66 45.06
CA PRO A 447 -45.50 -38.39 46.02
CA LYS A 448 -43.65 -41.03 43.98
CA ALA A 449 -44.67 -44.70 44.00
CA PRO A 450 -42.01 -47.39 44.63
CA GLN A 451 -41.29 -49.60 41.61
CA LEU A 452 -41.14 -52.59 44.04
CA TYR A 453 -39.58 -55.78 42.70
CA THR A 454 -38.68 -59.24 43.90
CA ILE A 455 -35.41 -61.18 43.79
CA PRO A 456 -35.33 -64.85 44.79
CA PRO A 457 -32.23 -66.43 46.44
CA PRO A 458 -28.97 -66.11 44.37
CA LYS A 459 -27.21 -68.94 42.52
CA GLU A 460 -24.19 -68.95 44.83
CA GLN A 461 -26.47 -69.36 47.87
CA MET A 462 -28.51 -72.44 47.03
CA ALA A 463 -26.84 -75.17 49.07
CA LYS A 464 -27.20 -73.34 52.39
CA ASP A 465 -29.67 -74.32 55.09
CA LYS A 466 -31.68 -71.09 54.76
CA VAL A 467 -32.00 -68.51 51.98
CA SER A 468 -32.77 -64.85 51.43
CA LEU A 469 -35.39 -63.44 49.08
CA THR A 470 -35.19 -59.65 49.07
CA CYS A 471 -37.98 -57.27 48.10
CA MET A 472 -36.46 -54.33 46.30
CA ILE A 473 -38.63 -51.20 46.48
CA THR A 474 -37.10 -48.17 44.78
CA ASP A 475 -37.33 -44.52 43.77
CA PHE A 476 -40.38 -43.56 45.79
CA PHE A 477 -41.35 -40.58 47.95
CA PRO A 478 -41.59 -40.05 50.77
CA GLU A 479 -40.12 -42.50 53.28
CA ASP A 480 -43.66 -42.86 54.65
CA ILE A 481 -44.05 -46.48 53.57
CA THR A 482 -44.43 -49.92 55.18
CA VAL A 483 -43.58 -53.50 54.14
CA GLU A 484 -44.68 -57.09 54.87
CA TRP A 485 -44.20 -60.53 53.33
CA GLN A 486 -46.54 -63.56 53.15
CA TRP A 487 -45.21 -67.22 52.83
CA ASN A 488 -48.00 -69.49 52.13
CA GLY A 489 -50.80 -67.02 51.97
CA GLN A 490 -50.70 -65.18 55.28
CA PRO A 491 -48.43 -63.26 57.87
CA ALA A 492 -44.87 -64.56 58.15
CA GLU A 493 -41.74 -64.00 60.54
CA ASN A 494 -38.08 -63.23 59.75
CA TYR A 495 -38.51 -60.51 57.22
CA LYS A 496 -36.52 -57.39 58.10
CA ASN A 497 -36.69 -53.97 56.49
CA THR A 498 -33.81 -51.58 55.90
CA GLN A 499 -34.36 -47.90 56.55
CA PRO A 500 -35.27 -45.47 53.72
CA ILE A 501 -32.12 -43.99 52.29
CA MET A 502 -32.02 -41.23 49.71
CA ASN A 503 -30.67 -42.45 46.35
CA THR A 504 -28.91 -40.36 43.65
CA ASN A 505 -31.86 -38.47 42.06
CA GLY A 506 -33.49 -37.55 45.37
CA SER A 507 -35.74 -40.57 45.64
CA TYR A 508 -35.61 -43.46 48.13
CA PHE A 509 -35.54 -47.26 48.16
CA VAL A 510 -35.76 -50.09 50.67
CA TYR A 511 -34.87 -53.78 50.81
CA SER A 512 -36.92 -56.38 52.62
CA LYS A 513 -35.26 -59.72 53.27
CA LEU A 514 -37.27 -62.92 53.78
CA ASN A 515 -35.65 -65.97 55.35
CA VAL A 516 -36.72 -69.57 54.79
CA GLN A 517 -35.41 -73.10 54.18
CA LYS A 518 -34.80 -74.91 50.86
CA SER A 519 -37.62 -77.37 51.48
CA ASN A 520 -40.04 -74.43 51.83
CA TRP A 521 -38.75 -72.57 48.77
CA GLU A 522 -38.40 -75.48 46.35
CA ALA A 523 -41.83 -76.69 47.45
CA GLY A 524 -43.31 -73.87 45.58
CA ASN A 525 -45.08 -72.53 48.50
CA THR A 526 -45.37 -69.01 47.23
CA PHE A 527 -44.19 -65.86 49.06
CA THR A 528 -45.55 -62.32 48.69
CA CYS A 529 -44.21 -58.84 49.41
CA SER A 530 -46.83 -56.13 50.11
CA VAL A 531 -45.87 -52.47 50.07
CA LEU A 532 -47.94 -49.55 51.32
CA HIS A 533 -47.18 -46.08 50.09
CA GLU A 534 -49.49 -43.13 49.42
CA GLY A 535 -48.41 -42.72 45.79
CA LEU A 536 -49.76 -46.23 45.23
CA HIS A 537 -52.94 -47.26 43.49
CA ASN A 538 -55.47 -47.15 46.33
CA HIS A 539 -52.58 -46.71 48.73
CA HIS A 540 -51.18 -50.19 48.04
CA THR A 541 -49.42 -52.69 45.75
CA GLU A 542 -47.80 -56.12 46.04
CA LYS A 543 -45.72 -58.55 44.02
CA SER A 544 -45.06 -62.28 44.41
CA LEU A 545 -42.27 -64.85 44.09
CA SER A 546 -42.70 -68.54 43.40
CA HIS A 547 -40.44 -71.46 42.49
CA SER A 548 -40.82 -74.26 39.96
CA PRO A 549 -40.19 -77.80 41.13
CA GLY A 550 -38.02 -79.69 38.57
CA LYS A 551 -37.49 -83.43 38.81
CA ASP B 1 105.33 73.07 -8.32
CA HIS B 2 104.56 72.27 -11.95
CA CYS B 3 101.43 70.42 -12.95
CA PRO B 4 99.98 69.63 -16.35
CA ALA B 5 95.98 69.88 -16.78
CA PRO B 6 92.63 68.85 -18.42
CA SER B 7 88.89 68.70 -17.41
CA GLN B 8 88.04 65.01 -16.47
CA LEU B 9 85.30 62.88 -18.14
CA PRO B 10 82.61 62.90 -15.07
CA SER B 11 82.48 66.57 -14.02
CA ALA B 12 84.08 69.93 -14.69
CA LYS B 13 87.28 71.32 -13.22
CA PRO B 14 87.77 74.92 -12.25
CA ILE B 15 89.94 76.91 -13.13
CA ASN B 16 90.85 74.72 -16.18
CA LEU B 17 94.32 75.56 -17.43
CA THR B 18 97.01 73.69 -19.39
CA ASP B 19 100.38 74.21 -20.07
CA GLU B 20 102.60 76.76 -18.45
CA SER B 21 104.56 75.07 -15.63
CA MET B 22 103.72 75.53 -11.88
CA PHE B 23 107.03 76.35 -10.09
CA PRO B 24 105.58 76.61 -6.43
CA ILE B 25 103.26 73.85 -5.05
CA GLY B 26 100.38 75.92 -4.96
CA THR B 27 97.53 76.77 -7.28
CA TYR B 28 94.24 75.14 -6.60
CA LEU B 29 91.68 73.35 -8.80
CA LEU B 30 88.21 72.03 -7.92
CA TYR B 31 86.35 69.05 -9.49
CA GLU B 32 82.46 69.14 -9.36
CA CYS B 33 79.96 66.77 -10.82
CA LEU B 34 77.87 68.15 -13.68
CA PRO B 35 74.29 69.16 -12.77
CA GLY B 36 72.28 65.95 -12.57
CA TYR B 37 75.13 63.75 -11.39
CA ILE B 38 76.35 63.06 -7.88
CA LYS B 39 79.39 61.49 -6.33
CA ARG B 40 80.84 64.26 -5.00
CA GLN B 41 84.63 65.20 -4.48
CA PHE B 42 87.79 67.34 -4.92
CA SER B 43 91.55 66.85 -4.52
CA ILE B 44 94.53 69.08 -4.40
CA THR B 45 95.88 69.31 -7.65
CA CYS B 46 99.28 71.27 -7.61
CA LYS B 47 102.25 70.08 -5.52
CA GLN B 48 105.96 70.92 -5.87
CA ASP B 49 106.60 67.65 -7.69
CA SER B 50 104.27 68.62 -10.52
CA THR B 51 102.15 65.44 -10.18
CA TRP B 52 98.41 65.75 -9.54
CA THR B 53 97.44 63.22 -6.84
CA SER B 54 95.04 60.28 -7.12
CA ALA B 55 91.43 61.32 -7.87
CA GLU B 56 88.72 59.23 -6.40
CA ASP B 57 85.79 61.35 -7.62
CA LYS B 58 83.22 59.08 -9.24
CA CYS B 59 80.24 60.65 -10.79
CA ILE B 60 78.80 57.39 -12.44
CA ARG B 61 77.35 53.94 -10.99
CA LYS B 62 76.37 50.48 -12.50
CA GLN B 63 74.62 47.98 -10.05
CA CYS B 64 73.97 43.91 -9.89
CA LYS B 65 73.17 41.29 -12.70
CA THR B 66 69.63 39.86 -12.87
CA PRO B 67 69.06 36.70 -10.62
CA SER B 68 67.50 33.45 -12.37
CA ASP B 69 67.11 30.42 -9.90
CA PRO B 70 66.29 26.81 -11.42
CA GLU B 71 64.30 24.39 -9.11
CA ASN B 72 63.93 26.94 -6.46
CA GLY B 73 62.83 30.33 -5.48
CA LEU B 74 64.64 33.66 -5.01
CA VAL B 75 63.29 36.28 -2.56
CA HIS B 76 64.06 39.89 -3.60
CA VAL B 77 62.94 43.20 -5.09
CA HIS B 78 65.02 45.52 -7.43
CA THR B 79 65.43 47.47 -4.07
CA GLY B 80 66.45 43.96 -3.05
CA ILE B 81 69.00 43.65 -6.15
CA GLU B 82 70.55 47.17 -6.43
CA PHE B 83 73.35 48.06 -4.07
CA GLY B 84 73.12 47.39 -1.18
CA SER B 85 70.26 44.87 -1.21
CA ARG B 86 70.27 41.24 -0.18
CA ILE B 87 68.57 38.41 -1.97
CA ASN B 88 67.81 34.99 -0.40
CA TYR B 89 67.43 31.53 -1.95
CA THR B 90 65.68 28.24 -1.30
CA CYS B 91 64.99 25.04 -3.19
CA ASN B 92 61.95 23.13 -4.26
CA GLN B 93 61.06 19.82 -2.59
CA GLY B 94 63.61 17.24 -3.65
CA TYR B 95 66.51 19.63 -4.18
CA ARG B 96 69.16 21.12 -1.90
CA LEU B 97 70.89 24.48 -2.13
CA ILE B 98 74.40 24.04 -3.38
CA GLY B 99 75.91 27.29 -2.11
CA SER B 100 75.02 30.19 0.25
CA SER B 101 71.43 30.88 0.90
CA SER B 102 71.77 34.61 0.79
CA ALA B 103 73.77 37.12 -1.22
CA VAL B 104 74.34 40.87 -1.15
CA CYS B 105 74.84 43.29 -3.98
CA VAL B 106 78.21 44.97 -3.26
CA ILE B 107 79.79 48.34 -5.18
CA THR B 108 82.41 50.93 -5.78
CA ASP B 109 81.87 53.00 -9.10
CA GLN B 110 78.44 51.92 -10.83
CA SER B 111 79.92 48.28 -11.20
CA VAL B 112 78.40 45.79 -8.83
CA ASP B 113 78.90 41.91 -7.94
CA TRP B 114 76.97 39.34 -5.92
CA ASP B 115 78.64 38.21 -2.74
CA THR B 116 78.88 35.35 -2.07
CA GLU B 117 78.45 33.92 -5.56
CA ALA B 118 74.94 32.81 -6.47
CA PRO B 119 74.03 29.13 -5.65
CA ILE B 120 72.35 26.48 -7.71
CA CYS B 121 70.34 23.55 -6.71
CA GLU B 122 69.89 21.26 -9.75
CA TRP B 123 66.10 20.19 -9.60
CA ILE B 124 64.83 17.36 -7.35
CA PRO B 125 62.73 14.24 -8.74
CA CYS B 126 59.60 12.87 -6.96
CA GLU B 127 58.65 12.25 -3.24
CA ILE B 128 56.12 9.74 -1.61
CA PRO B 129 52.66 9.71 -3.55
CA PRO B 130 49.56 11.46 -1.89
CA GLY B 131 48.07 9.15 0.81
CA ILE B 132 45.26 10.98 2.80
CA PRO B 133 42.02 9.84 1.48
CA ASN B 134 43.81 7.19 -0.62
CA GLY B 135 43.03 3.45 0.01
CA ASP B 136 46.47 1.64 0.20
CA PHE B 137 50.16 1.70 -0.90
CA PHE B 138 51.69 -1.26 -3.00
CA SER B 139 53.37 -1.78 -6.58
CA SER B 140 57.32 -1.26 -7.29
CA THR B 141 57.27 2.02 -5.17
CA ARG B 142 58.64 1.54 -1.54
CA GLU B 143 61.41 4.13 -0.56
CA ASP B 144 63.82 4.77 -3.61
CA PHE B 145 61.48 7.37 -5.36
CA HIS B 146 63.04 8.92 -8.60
CA TYR B 147 60.63 9.49 -11.68
CA GLY B 148 58.01 7.48 -13.80
CA MET B 149 57.41 4.84 -11.00
CA VAL B 150 53.69 3.67 -10.95
CA VAL B 151 51.78 3.21 -7.59
CA THR B 152 48.46 1.23 -7.45
CA TYR B 153 45.98 1.82 -4.45
CA ARG B 154 43.30 -0.40 -2.52
CA CYS B 155 41.63 -0.04 1.08
CA ASN B 156 41.64 0.34 4.93
CA THR B 157 38.91 -1.78 6.75
CA ASP B 158 38.38 -2.21 10.56
CA ALA B 159 38.70 -5.93 11.84
CA ARG B 160 34.81 -5.93 12.07
CA GLY B 161 34.82 -6.12 8.10
CA LYS B 162 33.38 -2.58 7.37
CA ALA B 163 35.39 0.00 5.28
CA LEU B 164 36.46 3.43 6.51
CA PHE B 165 38.49 4.31 3.26
CA ASN B 166 38.86 2.67 -0.33
CA LEU B 167 39.56 4.28 -3.72
CA VAL B 168 36.82 4.72 -6.39
CA GLY B 169 38.39 6.73 -9.35
CA GLU B 170 42.03 6.45 -10.68
CA PRO B 171 43.20 2.90 -9.25
CA SER B 172 46.88 3.76 -10.26
CA LEU B 173 49.02 7.02 -10.43
CA TYR B 174 52.67 7.77 -11.60
CA CYS B 175 55.53 10.29 -10.89
CA THR B 176 55.34 13.31 -13.35
CA SER B 177 56.54 17.02 -13.63
CA ASN B 178 54.41 20.31 -13.87
CA ASP B 179 56.57 22.94 -11.84
CA GLY B 180 60.37 21.78 -11.95
CA GLU B 181 60.93 22.12 -8.13
CA ILE B 182 57.48 20.60 -7.03
CA GLY B 183 57.16 17.82 -9.75
CA VAL B 184 53.60 16.44 -9.18
CA TRP B 185 52.06 13.01 -9.01
CA SER B 186 48.90 12.91 -11.37
CA GLY B 187 46.81 13.62 -8.23
CA PRO B 188 44.70 12.49 -5.20
CA PRO B 189 41.26 11.75 -7.05
CA PRO B 190 41.44 8.24 -5.22
CA GLN B 191 38.43 8.57 -2.80
CA CYS B 192 36.74 6.22 -0.52
CA ILE B 193 33.74 6.38 1.66
CA GLU B 194 33.48 7.88 5.27
CA LEU B 195 31.14 8.44 8.35
CA ASN B 196 32.27 8.95 12.03
CA LYS B 197 30.26 10.39 14.97
CA CYS B 198 30.66 11.85 18.27
CA THR B 199 28.48 14.54 16.87
CA PRO B 200 26.67 17.08 19.18
CA PRO B 201 26.10 15.66 22.71
CA PRO B 202 22.47 15.07 23.81
CA TYR B 203 20.09 17.79 25.04
CA VAL B 204 18.25 17.51 28.32
CA GLU B 205 15.37 19.20 30.02
CA ASN B 206 17.33 19.66 33.27
CA ALA B 207 20.95 19.86 32.03
CA VAL B 208 22.56 22.43 29.74
CA MET B 209 25.88 21.62 28.06
CA LEU B 210 26.40 25.11 26.55
CA SER B 211 27.51 26.14 22.97
CA GLU B 212 30.66 24.41 24.19
CA ASN B 213 28.95 22.40 21.32
CA ARG B 214 31.13 21.43 18.40
CA SER B 215 30.15 19.62 15.15
CA LEU B 216 32.64 16.77 15.72
CA PHE B 217 34.12 15.38 18.95
CA SER B 218 37.15 13.12 19.24
CA LEU B 219 37.03 9.63 20.72
CA ARG B 220 37.85 10.09 24.40
CA ASP B 221 36.55 13.64 24.39
CA ILE B 222 34.53 14.57 27.48
CA VAL B 223 31.59 16.98 27.69
CA GLU B 224 30.19 18.38 30.94
CA PHE B 225 26.73 19.72 31.68
CA ARG B 226 25.18 21.96 34.26
CA CYS B 227 21.84 22.13 35.89
CA HIS B 228 19.59 24.57 34.11
CA PRO B 229 18.82 27.68 36.16
CA GLY B 230 15.80 26.55 38.18
CA PHE B 231 17.66 23.39 39.20
CA ILE B 232 19.53 22.03 42.18
CA MET B 233 22.33 19.49 41.65
CA LYS B 234 22.61 16.54 43.96
CA GLY B 235 25.59 13.94 42.97
CA ALA B 236 27.46 13.67 39.58
CA SER B 237 27.39 13.61 35.62
CA SER B 238 29.71 13.96 32.39
CA VAL B 239 29.77 11.94 29.04
CA HIS B 240 32.40 10.70 26.65
CA CYS B 241 32.82 9.78 23.01
CA GLN B 242 33.41 6.05 22.50
CA SER B 243 34.17 3.60 19.66
CA LEU B 244 30.78 3.49 18.02
CA ASN B 245 31.60 7.26 18.07
CA LYS B 246 28.55 7.47 20.34
CA TRP B 247 28.24 9.16 23.73
CA GLU B 248 28.17 7.13 26.92
CA PRO B 249 24.67 7.07 28.41
CA GLU B 250 23.33 9.64 30.85
CA LEU B 251 20.22 9.44 33.06
CA PRO B 252 20.82 12.59 35.59
CA SER B 253 18.35 14.48 37.77
CA CYS B 254 19.76 17.88 38.51
CA PHE B 255 18.37 18.62 41.82
CA LYS B 256 17.02 16.63 44.89
CA GLY B 257 15.84 12.97 44.27
CA VAL B 258 15.10 9.71 46.33
CA ILE B 259 14.04 8.59 49.80
CA CYS B 260 12.13 5.41 49.65
CA ARG B 261 10.96 2.65 47.32
CA LEU B 262 7.18 2.78 47.85
CA PRO B 263 4.91 1.68 50.65
CA GLN B 264 3.07 -0.83 48.44
CA GLU B 265 1.24 -3.97 49.61
CA MET B 266 -1.04 -6.84 48.55
CA SER B 267 -4.38 -5.14 47.78
CA GLY B 268 -3.84 -3.11 50.99
CA PHE B 269 -2.14 0.12 49.84
CA GLN B 270 -2.26 3.27 51.94
CA LYS B 271 -4.54 6.32 51.64
CA GLY B 272 -3.25 8.80 54.25
CA LEU B 273 0.11 10.44 53.48
CA GLY B 274 1.62 8.74 50.40
CA MET B 275 3.92 10.31 47.78
CA LYS B 276 6.03 9.35 44.74
CA LYS B 277 9.89 8.56 43.79
CA GLU B 278 10.97 12.13 43.83
CA TYR B 279 9.16 12.32 47.28
CA TYR B 280 11.93 12.52 49.88
CA TYR B 281 10.44 13.87 53.31
CA GLY B 282 9.78 11.90 56.84
CA GLU B 283 6.46 10.02 55.96
CA ASN B 284 4.12 7.61 57.78
CA VAL B 285 1.69 5.86 55.38
CA THR B 286 -1.53 4.33 56.75
CA LEU B 287 -2.44 1.14 54.88
CA GLU B 288 -6.05 0.75 53.72
CA CYS B 289 -6.77 -2.95 53.08
CA GLU B 290 -8.53 -3.12 49.69
CA ASP B 291 -11.78 -4.75 50.85
CA GLY B 292 -12.76 -7.71 53.08
CA TYR B 293 -9.11 -8.35 54.03
CA THR B 294 -6.84 -7.94 57.08
CA LEU B 295 -3.50 -6.11 56.79
CA GLU B 296 -1.15 -8.88 57.99
CA GLY B 297 1.79 -6.79 59.27
CA SER B 298 1.14 -3.09 60.01
CA SER B 299 -1.72 -0.87 58.81
CA GLN B 300 0.51 2.15 59.53
CA SER B 301 4.16 2.32 58.43
CA GLN B 302 6.72 5.07 57.85
CA CYS B 303 9.61 5.41 55.40
CA GLN B 304 12.54 5.02 57.78
CA SER B 305 16.40 4.80 57.09
CA ASP B 306 17.96 2.97 53.88
CA GLY B 307 14.69 2.82 51.96
CA SER B 308 12.75 -0.29 53.32
CA TRP B 309 9.15 0.97 54.73
CA ASN B 310 8.89 0.68 58.61
CA PRO B 311 7.47 -1.70 60.01
CA LEU B 312 7.28 -4.26 57.18
CA LEU B 313 4.43 -3.18 54.87
CA ALA B 314 1.12 -4.73 55.88
CA LYS B 315 -0.52 -7.56 53.91
CA CYS B 316 -4.22 -7.33 53.00
CA VAL B 317 -4.61 -11.07 54.12
CA SER B 318 -7.44 -12.34 51.80
CA ARG B 319 -7.37 -16.27 51.31
CA LEU B 320 -10.88 -17.17 50.16
CA ALA B 321 -12.69 -19.63 47.44
CA ASP B 322 -16.43 -19.59 46.16
CA PRO B 323 -20.37 -19.83 47.12
CA GLU B 324 -21.20 -19.48 43.33
CA VAL B 325 -22.95 -22.90 43.77
CA PRO B 326 -26.57 -24.35 42.93
CA ARG B 327 -27.68 -25.41 46.24
CA ASP B 328 -29.84 -23.52 48.87
CA CYS B 329 -31.35 -22.91 52.49
CA GLY B 330 -32.06 -26.62 53.12
CA CYS B 331 -29.11 -28.58 53.79
CA LYS B 332 -30.24 -28.76 57.18
CA PRO B 333 -32.80 -26.37 58.49
CA CYS B 334 -32.81 -28.20 61.95
CA ILE B 335 -33.75 -25.63 64.77
CA CYS B 336 -31.76 -26.03 68.07
CA THR B 337 -29.22 -23.73 69.83
CA VAL B 338 -25.86 -25.68 69.99
CA PRO B 339 -23.60 -24.69 72.88
CA GLU B 340 -20.69 -25.80 73.95
CA VAL B 341 -20.32 -27.46 76.83
CA SER B 342 -16.97 -27.81 75.71
CA SER B 343 -16.15 -31.12 74.26
CA VAL B 344 -13.65 -32.32 71.56
CA PHE B 345 -14.57 -35.09 69.21
CA ILE B 346 -12.13 -37.58 67.82
CA PHE B 347 -12.99 -39.00 64.39
CA PRO B 348 -11.57 -42.21 62.79
CA PRO B 349 -9.61 -42.20 59.50
CA LYS B 350 -11.27 -43.06 56.19
CA PRO B 351 -11.08 -46.80 55.40
CA LYS B 352 -9.58 -45.96 52.00
CA ASP B 353 -6.66 -44.23 53.69
CA VAL B 354 -5.99 -47.19 55.97
CA LEU B 355 -6.14 -49.48 52.92
CA THR B 356 -4.41 -47.78 49.99
CA ILE B 357 -0.73 -48.10 51.01
CA THR B 358 0.49 -44.89 49.31
CA LEU B 359 -2.13 -42.93 51.27
CA THR B 360 -1.43 -41.96 54.88
CA PRO B 361 -4.31 -42.54 57.39
CA LYS B 362 -4.83 -39.33 59.41
CA VAL B 363 -6.92 -39.47 62.57
CA THR B 364 -8.64 -36.25 63.56
CA CYS B 365 -9.79 -34.71 66.84
CA VAL B 366 -11.37 -31.25 66.98
CA VAL B 367 -12.72 -28.87 69.61
CA VAL B 368 -15.88 -26.78 69.15
CA ASP B 369 -17.03 -24.28 71.83
CA ILE B 370 -14.09 -21.86 71.58
CA SER B 371 -14.46 -18.15 72.34
CA LYS B 372 -12.17 -15.13 71.92
CA ASP B 373 -10.04 -16.41 74.81
CA ASP B 374 -9.20 -20.13 74.46
CA PRO B 375 -5.55 -20.06 73.28
CA GLU B 376 -3.97 -22.49 70.81
CA VAL B 377 -5.32 -25.33 73.17
CA GLN B 378 -2.05 -27.43 72.64
CA PHE B 379 -3.04 -30.79 71.21
CA SER B 380 -1.13 -33.95 72.19
CA TRP B 381 -1.77 -37.57 71.17
CA PHE B 382 -1.19 -40.98 72.84
CA VAL B 383 -0.71 -44.17 70.79
CA ASP B 384 -1.04 -46.64 73.70
CA ASP B 385 0.16 -44.62 76.69
CA VAL B 386 3.08 -43.24 74.72
CA GLU B 387 2.75 -39.83 73.34
CA VAL B 388 4.09 -38.62 69.96
CA HIS B 389 4.77 -35.68 67.62
CA THR B 390 1.68 -35.13 65.45
CA ALA B 391 2.80 -33.21 62.35
CA GLN B 392 2.13 -29.69 63.69
CA THR B 393 -1.46 -30.61 62.86
CA GLN B 394 -3.01 -27.33 63.97
CA PRO B 395 -4.82 -25.39 61.20
CA ARG B 396 -6.86 -24.27 64.23
CA GLU B 397 -9.39 -21.47 64.91
CA GLU B 398 -12.03 -20.80 62.27
CA GLN B 399 -14.59 -18.09 63.05
CA PHE B 400 -17.69 -20.31 62.86
CA ASN B 401 -21.37 -19.67 63.83
CA SER B 402 -20.23 -17.58 66.80
CA THR B 403 -17.32 -19.73 68.06
CA PHE B 404 -14.09 -21.12 66.54
CA ARG B 405 -12.84 -24.63 65.81
CA SER B 406 -9.31 -26.01 66.30
CA VAL B 407 -8.34 -29.04 64.20
CA SER B 408 -5.66 -31.68 64.80
CA GLU B 409 -5.26 -34.03 61.79
CA LEU B 410 -2.36 -36.31 62.92
CA PRO B 411 -1.27 -38.92 60.35
CA ILE B 412 -0.39 -42.43 61.48
CA MET B 413 0.93 -45.75 60.18
CA HIS B 414 -1.64 -48.06 58.54
CA GLN B 415 -0.68 -51.20 60.43
CA ASP B 416 -1.08 -49.34 63.75
CA TRP B 417 -4.83 -48.87 63.47
CA LEU B 418 -5.09 -52.20 61.66
CA ASN B 419 -3.38 -53.94 64.54
CA GLY B 420 -5.69 -52.06 66.86
CA LYS B 421 -4.08 -49.20 68.78
CA GLU B 422 -5.79 -46.45 70.88
CA PHE B 423 -5.64 -42.71 70.12
CA LYS B 424 -5.75 -40.23 73.03
CA CYS B 425 -5.93 -36.56 72.16
CA ARG B 426 -4.88 -34.77 75.41
CA VAL B 427 -5.32 -31.00 75.35
CA ASN B 428 -4.74 -28.21 77.85
CA SER B 429 -6.07 -24.65 77.96
CA ALA B 430 -6.53 -21.86 80.52
CA ALA B 431 -10.30 -22.23 80.85
CA PHE B 432 -10.16 -26.06 80.96
CA PRO B 433 -11.11 -27.52 84.40
CA ALA B 434 -9.33 -30.73 83.33
CA PRO B 435 -6.99 -31.74 80.42
CA ILE B 436 -9.52 -33.87 78.50
CA GLU B 437 -8.76 -36.55 75.86
CA LYS B 438 -10.52 -39.33 73.93
CA THR B 439 -9.28 -42.42 72.11
CA ILE B 440 -10.54 -44.04 68.90
CA SER B 441 -9.19 -47.63 68.59
CA LYS B 442 -11.18 -49.83 66.15
CA THR B 443 -14.46 -51.71 65.57
CA LYS B 444 -13.39 -55.01 67.15
CA GLY B 445 -15.22 -58.24 65.92
CA ARG B 446 -13.91 -60.96 63.52
CA PRO B 447 -13.60 -59.41 59.97
CA LYS B 448 -15.77 -60.83 57.15
CA ALA B 449 -14.97 -60.26 53.48
CA PRO B 450 -17.72 -59.01 51.13
CA GLN B 451 -18.74 -61.59 48.49
CA LEU B 452 -18.88 -58.71 45.94
CA TYR B 453 -20.75 -59.37 42.70
CA THR B 454 -21.80 -57.54 39.55
CA ILE B 455 -25.14 -57.11 37.89
CA PRO B 456 -25.37 -55.50 34.45
CA PRO B 457 -28.44 -53.44 33.38
CA PRO B 458 -31.80 -55.34 33.56
CA LYS B 459 -33.85 -56.62 30.60
CA GLU B 460 -36.70 -54.16 31.18
CA GLN B 461 -34.27 -51.21 31.11
CA MET B 462 -32.48 -51.67 27.79
CA ALA B 463 -34.17 -49.07 25.57
CA LYS B 464 -33.46 -46.15 27.90
CA ASP B 465 -30.85 -43.44 27.23
CA LYS B 466 -28.69 -44.44 30.21
CA VAL B 467 -28.37 -47.65 32.25
CA SER B 468 -27.47 -48.87 35.72
CA LEU B 469 -24.93 -51.57 36.51
CA THR B 470 -24.92 -52.20 40.25
CA CYS B 471 -22.08 -53.72 42.23
CA MET B 472 -23.55 -55.90 44.94
CA ILE B 473 -21.18 -56.37 47.92
CA THR B 474 -22.63 -58.47 50.72
CA ASP B 475 -22.25 -60.11 54.13
CA PHE B 476 -19.02 -58.46 55.20
CA PHE B 477 -17.74 -56.90 58.41
CA PRO B 478 -17.27 -54.22 59.38
CA GLU B 479 -18.71 -51.24 57.48
CA ASP B 480 -15.14 -50.04 57.12
CA ILE B 481 -15.06 -50.54 53.36
CA THR B 482 -14.78 -48.38 50.21
CA VAL B 483 -15.88 -48.71 46.59
CA GLU B 484 -14.95 -47.45 43.09
CA TRP B 485 -15.72 -48.36 39.48
CA GLN B 486 -13.50 -48.16 36.30
CA TRP B 487 -15.08 -47.71 32.77
CA ASN B 488 -12.51 -48.19 30.21
CA GLY B 489 -9.62 -48.98 32.44
CA GLN B 490 -9.43 -46.02 34.84
CA PRO B 491 -11.36 -43.88 37.39
CA ALA B 492 -14.89 -42.87 36.16
CA GLU B 493 -17.87 -40.80 37.41
CA ASN B 494 -21.55 -41.15 38.39
CA TYR B 495 -21.10 -44.23 40.57
CA LYS B 496 -22.84 -43.76 43.90
CA ASN B 497 -22.60 -45.95 46.98
CA THR B 498 -25.33 -46.78 49.45
CA GLN B 499 -24.53 -46.76 53.14
CA PRO B 500 -23.67 -50.01 54.96
CA ILE B 501 -26.85 -51.53 56.40
CA MET B 502 -26.94 -54.53 58.68
CA ASN B 503 -28.61 -57.53 57.04
CA THR B 504 -30.40 -60.45 58.78
CA ASN B 505 -27.48 -62.50 60.17
CA GLY B 506 -25.55 -59.53 61.50
CA SER B 507 -23.48 -58.84 58.42
CA TYR B 508 -23.64 -55.89 56.02
CA PHE B 509 -23.91 -55.21 52.28
CA VAL B 510 -23.69 -52.27 49.91
CA TYR B 511 -24.78 -51.47 46.35
CA SER B 512 -22.75 -49.38 43.95
CA LYS B 513 -24.54 -48.06 40.87
CA LEU B 514 -22.69 -47.10 37.70
CA ASN B 515 -24.39 -44.95 35.09
CA VAL B 516 -23.57 -44.98 31.36
CA GLN B 517 -25.13 -44.91 27.87
CA LYS B 518 -26.08 -47.83 25.59
CA SER B 519 -23.37 -46.94 23.09
CA ASN B 520 -20.76 -47.23 25.84
CA TRP B 521 -22.14 -50.49 27.25
CA GLU B 522 -22.84 -52.38 24.00
CA ALA B 523 -19.42 -51.24 22.81
CA GLY B 524 -17.89 -53.73 25.08
CA ASN B 525 -15.86 -51.16 26.87
CA THR B 526 -15.46 -53.07 30.09
CA PHE B 527 -16.29 -51.66 33.54
CA THR B 528 -14.77 -52.71 36.87
CA CYS B 529 -15.82 -52.48 40.50
CA SER B 530 -13.03 -52.39 43.09
CA VAL B 531 -13.78 -53.05 46.75
CA LEU B 532 -11.48 -52.42 49.70
CA HIS B 533 -12.13 -54.19 52.97
CA GLU B 534 -9.69 -55.48 55.60
CA GLY B 535 -11.00 -59.07 55.44
CA LEU B 536 -9.90 -59.10 51.79
CA HIS B 537 -6.88 -60.78 50.30
CA ASN B 538 -4.17 -58.16 50.68
CA HIS B 539 -6.86 -55.73 51.73
CA HIS B 540 -8.50 -55.74 48.31
CA THR B 541 -10.54 -57.46 45.59
CA GLU B 542 -12.35 -56.49 42.38
CA LYS B 543 -14.71 -57.95 39.76
CA SER B 544 -15.55 -56.88 36.22
CA LEU B 545 -18.49 -56.58 33.84
CA SER B 546 -18.33 -56.69 30.05
CA HIS B 547 -20.83 -56.97 27.19
CA SER B 548 -20.80 -58.98 23.98
CA PRO B 549 -21.55 -57.20 20.74
CA GLY B 550 -24.02 -59.25 18.61
CA LYS B 551 -24.76 -58.33 15.02
CA ASP A 1 107.92 -53.86 10.91
CA HIS A 2 109.91 -51.45 13.04
CA CYS A 3 108.23 -49.09 15.48
CA PRO A 4 109.66 -46.75 18.06
CA ALA A 5 107.73 -46.44 21.60
CA PRO A 6 106.68 -44.52 24.78
CA SER A 7 103.71 -44.55 27.25
CA GLN A 8 101.32 -41.62 26.30
CA LEU A 9 100.27 -38.75 28.65
CA PRO A 10 96.42 -39.93 29.32
CA SER A 11 96.75 -43.66 30.11
CA ALA A 12 99.28 -46.47 30.22
CA LYS A 13 100.50 -48.63 27.35
CA PRO A 14 101.23 -52.31 27.64
CA ILE A 15 103.80 -53.85 26.96
CA ASN A 16 105.90 -50.60 27.02
CA LEU A 17 109.10 -51.06 25.09
CA THR A 18 111.53 -48.73 23.28
CA ASP A 19 114.17 -49.17 21.05
CA GLU A 20 115.08 -52.35 19.27
CA SER A 21 113.56 -52.27 15.76
CA MET A 22 110.43 -54.31 14.75
CA PHE A 23 111.29 -56.10 11.45
CA PRO A 24 107.81 -57.88 10.91
CA ILE A 25 104.52 -55.86 11.22
CA GLY A 26 103.46 -57.51 14.19
CA THR A 27 103.80 -56.98 17.90
CA TYR A 28 100.85 -55.57 19.70
CA LEU A 29 100.42 -52.77 22.28
CA LEU A 30 97.31 -51.72 24.22
CA TYR A 31 96.44 -48.22 25.54
CA GLU A 32 94.09 -48.04 28.67
CA CYS A 33 92.96 -45.07 30.63
CA LEU A 34 94.33 -44.84 34.18
CA PRO A 35 91.91 -45.86 36.95
CA GLY A 36 89.54 -42.94 37.44
CA TYR A 37 89.60 -41.75 33.85
CA ILE A 38 87.47 -42.82 30.92
CA LYS A 39 87.58 -42.36 27.18
CA ARG A 40 88.32 -45.55 26.26
CA GLN A 41 90.45 -46.92 23.23
CA PHE A 42 93.31 -48.88 21.58
CA SER A 43 95.04 -48.83 18.18
CA ILE A 44 97.51 -51.33 16.45
CA THR A 45 101.04 -50.74 16.75
CA CYS A 46 103.45 -52.54 14.80
CA LYS A 47 103.08 -52.26 11.06
CA GLN A 48 105.75 -53.09 8.50
CA ASP A 49 106.41 -49.42 7.81
CA SER A 50 107.49 -48.82 11.41
CA THR A 51 104.96 -45.97 11.94
CA TRP A 52 102.42 -46.24 14.75
CA THR A 53 99.02 -45.14 13.38
CA SER A 54 96.86 -42.20 14.52
CA ALA A 55 95.66 -42.49 18.14
CA GLU A 56 92.31 -41.08 18.94
CA ASP A 57 92.21 -42.16 22.60
CA LYS A 58 91.17 -39.21 24.74
CA CYS A 59 91.04 -39.89 28.50
CA ILE A 60 89.85 -36.24 29.34
CA ARG A 61 87.67 -33.01 28.31
CA LYS A 62 86.36 -29.31 29.27
CA GLN A 63 82.75 -28.11 28.54
CA CYS A 64 80.89 -24.64 28.52
CA LYS A 65 79.90 -20.79 28.39
CA THR A 66 77.10 -19.19 30.44
CA PRO A 67 73.80 -17.54 29.05
CA SER A 68 73.27 -13.76 29.87
CA ASP A 69 70.19 -12.22 27.99
CA PRO A 70 69.51 -8.29 28.34
CA GLU A 71 65.79 -7.16 28.00
CA ASN A 72 64.57 -10.65 27.69
CA GLY A 73 64.43 -14.07 29.09
CA LEU A 74 66.37 -17.28 28.41
CA VAL A 75 64.74 -20.72 29.02
CA HIS A 76 67.23 -23.44 30.03
CA VAL A 77 68.80 -25.63 32.71
CA HIS A 78 72.55 -26.64 32.95
CA THR A 79 71.10 -29.95 31.48
CA GLY A 80 69.73 -27.36 29.07
CA ILE A 81 73.36 -25.72 28.54
CA GLU A 82 75.76 -28.74 28.52
CA PHE A 83 76.06 -30.73 25.32
CA GLY A 84 73.62 -31.47 23.80
CA SER A 85 71.03 -29.14 25.34
CA ARG A 86 68.99 -26.42 23.70
CA ILE A 87 68.24 -23.03 25.12
CA ASN A 88 65.44 -20.71 23.90
CA TYR A 89 65.09 -16.92 23.95
CA THR A 90 62.40 -14.26 24.01
CA CYS A 91 62.20 -10.54 24.58
CA ASN A 92 60.45 -8.24 26.98
CA GLN A 93 57.54 -6.08 25.82
CA GLY A 94 58.91 -3.38 23.57
CA TYR A 95 61.87 -5.35 22.23
CA ARG A 96 62.37 -7.80 19.39
CA LEU A 97 64.77 -10.71 19.13
CA ILE A 98 67.62 -9.86 16.86
CA GLY A 99 68.79 -13.37 15.97
CA SER A 100 67.59 -17.01 16.32
CA SER A 101 65.22 -17.81 19.08
CA SER A 102 66.83 -21.05 20.00
CA ALA A 103 70.37 -22.40 20.19
CA VAL A 104 72.00 -25.76 20.84
CA CYS A 105 75.20 -26.60 22.64
CA VAL A 106 77.30 -28.52 20.08
CA ILE A 107 80.81 -30.66 20.84
CA THR A 108 83.74 -32.74 19.84
CA ASP A 109 86.53 -33.01 22.63
CA GLN A 110 85.33 -31.13 25.92
CA SER A 111 85.18 -27.79 23.84
CA VAL A 112 81.69 -26.65 23.08
CA ASP A 113 79.95 -23.66 21.04
CA TRP A 114 76.44 -22.27 20.75
CA ASP A 115 74.77 -22.81 17.42
CA THR A 116 73.41 -20.60 16.02
CA GLU A 117 75.14 -17.69 17.74
CA ALA A 118 73.28 -16.18 20.68
CA PRO A 119 70.85 -13.27 19.87
CA ILE A 120 70.29 -9.92 21.47
CA CYS A 121 67.19 -7.49 22.09
CA GLU A 122 65.78 -4.43 24.21
CA TRP A 123 63.10 -3.31 26.54
CA ILE A 124 59.61 -1.82 25.46
CA PRO A 125 57.71 1.50 26.46
CA CYS A 126 54.20 1.70 27.76
CA GLU A 127 50.92 0.22 26.27
CA ILE A 128 47.20 1.46 26.51
CA PRO A 129 46.25 2.53 30.20
CA PRO A 130 43.91 0.16 32.30
CA GLY A 131 40.26 0.67 31.21
CA ILE A 132 37.92 -1.95 32.94
CA PRO A 133 36.26 -0.27 35.75
CA ASN A 134 37.66 3.08 34.60
CA GLY A 135 35.22 5.90 33.58
CA ASP A 136 36.52 7.33 30.20
CA PHE A 137 39.63 7.86 27.96
CA PHE A 138 40.74 11.49 26.90
CA SER A 139 43.91 13.85 27.35
CA SER A 140 47.10 13.78 24.85
CA THR A 141 47.05 9.88 24.88
CA ARG A 142 45.37 8.33 21.71
CA GLU A 143 47.56 5.62 19.93
CA ASP A 144 51.35 6.72 19.93
CA PHE A 145 52.07 5.48 23.58
CA HIS A 146 55.82 5.91 24.64
CA TYR A 147 56.53 7.07 28.34
CA GLY A 148 55.39 9.91 30.82
CA MET A 149 52.10 10.63 28.86
CA VAL A 150 49.22 11.59 31.30
CA VAL A 151 45.62 10.18 30.81
CA THR A 152 42.60 11.78 32.62
CA TYR A 153 39.32 9.67 33.14
CA ARG A 154 35.43 10.51 33.40
CA CYS A 155 32.18 8.27 32.89
CA ASN A 156 29.84 5.88 30.94
CA THR A 157 26.04 6.70 31.33
CA ASP A 158 23.04 5.02 29.55
CA ALA A 159 20.87 7.45 27.36
CA ARG A 160 18.25 7.34 30.23
CA GLY A 161 20.76 9.64 32.29
CA LYS A 162 21.78 7.03 35.00
CA ALA A 163 25.49 5.98 35.46
CA LEU A 164 26.79 2.43 35.15
CA PHE A 165 30.55 3.43 35.62
CA ASN A 166 32.45 6.74 36.70
CA LEU A 167 35.77 7.21 38.53
CA VAL A 168 35.95 8.27 42.24
CA GLY A 169 39.71 8.17 43.30
CA GLU A 170 42.77 9.11 41.11
CA PRO A 171 41.11 11.34 38.23
CA SER A 172 44.47 11.16 36.22
CA LEU A 173 47.29 8.50 35.78
CA TYR A 174 50.69 8.50 33.85
CA CYS A 175 53.10 5.98 32.13
CA THR A 176 55.82 4.76 34.63
CA SER A 177 58.31 1.77 35.12
CA ASN A 178 58.47 -0.87 38.01
CA ASP A 179 59.61 -4.19 36.15
CA GLY A 180 61.61 -3.15 32.89
CA GLU A 181 59.63 -5.49 30.53
CA ILE A 182 56.09 -4.79 32.08
CA GLY A 183 56.51 -0.99 32.84
CA VAL A 184 53.30 -0.12 34.79
CA TRP A 185 50.78 2.68 34.72
CA SER A 186 50.27 4.03 38.39
CA GLY A 187 47.19 1.74 38.56
CA PRO A 188 43.40 1.08 38.17
CA PRO A 189 42.11 2.69 41.57
CA PRO A 190 39.59 4.68 39.25
CA GLN A 191 36.23 3.08 40.41
CA CYS A 192 32.74 3.94 39.52
CA ILE A 193 29.44 2.57 40.78
CA GLU A 194 27.57 -0.70 39.57
CA LEU A 195 24.43 -2.86 39.93
CA ASN A 196 22.70 -5.25 37.27
CA LYS A 197 19.90 -8.02 37.48
CA CYS A 198 16.47 -9.38 36.00
CA THR A 199 14.75 -11.56 38.64
CA PRO A 200 12.09 -13.85 40.28
CA PRO A 201 8.68 -13.94 38.71
CA PRO A 202 5.90 -12.96 41.17
CA TYR A 203 4.27 -15.31 43.67
CA VAL A 204 0.51 -15.74 43.86
CA GLU A 205 -1.97 -17.20 46.25
CA ASN A 206 -3.75 -19.14 43.49
CA ALA A 207 -0.94 -19.72 40.94
CA VAL A 208 2.29 -21.69 41.35
CA MET A 209 5.15 -21.12 38.90
CA LEU A 210 7.37 -23.95 40.27
CA SER A 211 11.18 -23.95 41.06
CA GLU A 212 11.27 -23.47 37.30
CA ASN A 213 12.54 -20.30 39.17
CA ARG A 214 15.90 -18.93 38.11
CA SER A 215 17.87 -15.97 39.57
CA LEU A 216 17.99 -14.10 36.25
CA PHE A 217 15.65 -14.24 33.23
CA SER A 218 16.39 -12.94 29.74
CA LEU A 219 14.39 -10.20 28.05
CA ARG A 220 11.68 -12.02 26.09
CA ASP A 221 11.78 -14.98 28.44
CA ILE A 222 8.36 -16.42 29.30
CA VAL A 223 7.26 -18.04 32.55
CA GLU A 224 4.07 -20.08 32.96
CA PHE A 225 2.07 -20.78 36.10
CA ARG A 226 -0.45 -23.34 37.20
CA CYS A 227 -3.38 -23.29 39.47
CA HIS A 228 -2.45 -24.42 42.94
CA PRO A 229 -3.97 -27.79 43.89
CA GLY A 230 -7.34 -26.74 45.28
CA PHE A 231 -7.97 -24.60 42.20
CA ILE A 232 -9.91 -24.76 38.96
CA MET A 233 -8.62 -22.89 35.89
CA LYS A 234 -11.05 -21.01 33.73
CA GLY A 235 -9.31 -18.97 30.67
CA ALA A 236 -5.57 -18.01 30.30
CA SER A 237 -2.21 -16.63 31.87
CA SER A 238 1.73 -16.40 31.28
CA VAL A 239 4.25 -13.44 31.82
CA HIS A 240 7.31 -12.11 30.06
CA CYS A 241 10.45 -10.15 30.81
CA GLN A 242 10.43 -6.71 29.20
CA SER A 243 12.75 -3.68 28.80
CA LEU A 244 12.55 -2.28 32.29
CA ASN A 245 13.63 -5.94 32.90
CA LYS A 246 10.27 -6.19 34.69
CA TRP A 247 7.54 -8.80 34.21
CA GLU A 248 4.37 -7.99 32.34
CA PRO A 249 1.42 -7.64 34.71
CA GLU A 250 -0.83 -10.49 35.80
CA LEU A 251 -4.27 -10.40 37.53
CA PRO A 252 -4.66 -14.39 37.25
CA SER A 253 -6.61 -15.19 40.27
CA CYS A 254 -8.50 -18.24 40.07
CA PHE A 255 -10.70 -19.24 37.60
CA LYS A 256 -11.85 -16.59 36.21
CA GLY A 257 -10.38 -13.72 36.30
CA VAL A 258 -13.21 -12.95 34.42
CA ILE A 259 -15.84 -15.07 34.76
CA CYS A 260 -17.65 -11.85 35.64
CA ARG A 261 -17.54 -8.25 36.87
CA LEU A 262 -20.01 -8.31 39.71
CA PRO A 263 -23.79 -8.40 39.83
CA GLN A 264 -24.03 -5.03 41.58
CA GLU A 265 -26.98 -2.63 41.48
CA MET A 266 -28.45 0.60 42.92
CA SER A 267 -29.28 -0.30 46.54
CA GLY A 268 -30.69 -3.60 45.20
CA PHE A 269 -27.79 -6.09 45.41
CA GLN A 270 -28.39 -9.82 45.51
CA LYS A 271 -28.50 -12.21 48.48
CA GLY A 272 -28.90 -15.70 46.95
CA LEU A 273 -25.83 -17.08 45.15
CA GLY A 274 -23.21 -14.31 44.89
CA MET A 275 -19.41 -14.70 44.81
CA LYS A 276 -16.22 -12.65 44.30
CA LYS A 277 -13.54 -11.83 41.38
CA GLU A 278 -11.77 -15.11 41.64
CA TYR A 279 -15.33 -16.69 41.47
CA TYR A 280 -15.58 -18.25 38.01
CA TYR A 281 -18.58 -20.89 37.98
CA GLY A 282 -22.24 -20.68 36.14
CA GLU A 283 -24.13 -18.34 38.66
CA ASN A 284 -27.63 -16.82 38.89
CA VAL A 285 -27.82 -14.00 41.46
CA THR A 286 -31.22 -12.99 42.90
CA LEU A 287 -31.38 -9.23 43.53
CA GLU A 288 -32.74 -8.07 46.88
CA CYS A 289 -33.90 -4.44 46.59
CA GLU A 290 -32.45 -2.62 49.62
CA ASP A 291 -35.74 -1.43 51.16
CA GLY A 292 -38.93 0.27 49.90
CA TYR A 293 -37.72 0.12 46.28
CA THR A 294 -38.55 -1.81 43.07
CA LEU A 295 -35.79 -3.57 41.09
CA GLU A 296 -36.21 -1.85 37.72
CA GLY A 297 -34.79 -4.51 35.38
CA SER A 298 -34.51 -8.08 36.73
CA SER A 299 -34.56 -9.29 40.37
CA GLN A 300 -32.81 -12.48 39.18
CA SER A 301 -29.81 -12.43 36.81
CA GLN A 302 -27.00 -14.81 35.92
CA CYS A 303 -23.38 -14.30 34.95
CA GLN A 304 -23.54 -15.06 31.20
CA SER A 305 -20.83 -15.15 28.38
CA ASP A 306 -18.35 -12.21 28.13
CA GLY A 307 -18.64 -10.72 31.52
CA SER A 308 -21.87 -8.69 31.65
CA TRP A 309 -24.76 -9.89 34.19
CA ASN A 310 -27.69 -11.43 32.26
CA PRO A 311 -30.37 -9.83 32.08
CA LEU A 312 -29.20 -6.26 32.78
CA LEU A 313 -28.79 -5.94 36.57
CA ALA A 314 -31.98 -4.77 38.25
CA LYS A 315 -32.38 -1.23 39.64
CA CYS A 316 -33.49 -0.39 43.05
CA VAL A 317 -32.42 3.06 41.31
CA SER A 318 -31.33 4.34 37.75
CA ARG A 319 -29.61 7.65 38.88
CA LEU A 320 -26.66 8.39 36.43
CA ALA A 321 -28.77 10.41 33.92
CA ASP A 322 -28.45 13.47 31.65
CA PRO A 323 -30.82 15.16 29.14
CA GLU A 324 -29.83 17.45 26.09
CA VAL A 325 -30.52 21.15 25.58
CA PRO A 326 -31.00 20.68 21.64
CA ARG A 327 -31.62 24.16 20.04
CA ASP A 328 -30.34 25.42 16.36
CA CYS A 329 -30.91 22.16 14.30
CA GLY A 330 -31.35 23.15 10.40
CA CYS A 331 -32.95 24.90 7.25
CA LYS A 332 -33.11 21.55 5.32
CA PRO A 333 -32.87 21.67 1.28
CA CYS A 334 -36.10 21.82 -0.82
CA ILE A 335 -34.83 19.22 -3.44
CA CYS A 336 -37.13 15.95 -3.48
CA THR A 337 -40.93 15.68 -3.22
CA VAL A 338 -41.68 17.62 -6.44
CA PRO A 339 -39.26 16.33 -9.38
CA GLU A 340 -37.99 19.72 -10.96
CA VAL A 341 -35.01 18.26 -13.00
CA SER A 342 -36.91 15.97 -15.66
CA SER A 343 -34.81 14.99 -18.50
CA VAL A 344 -35.55 14.89 -22.20
CA PHE A 345 -34.13 12.46 -24.80
CA ILE A 346 -33.87 13.21 -28.51
CA PHE A 347 -33.96 10.16 -30.78
CA PRO A 348 -32.82 9.97 -34.48
CA PRO A 349 -35.21 9.04 -37.34
CA LYS A 350 -35.29 5.50 -38.72
CA PRO A 351 -32.83 5.02 -41.64
CA LYS A 352 -35.68 3.68 -43.81
CA ASP A 353 -37.57 6.98 -43.39
CA VAL A 354 -34.52 9.05 -44.39
CA LEU A 355 -34.05 6.76 -47.42
CA THR A 356 -37.49 5.93 -48.88
CA ILE A 357 -38.41 9.21 -50.57
CA THR A 358 -42.20 8.89 -50.11
CA LEU A 359 -41.69 8.45 -46.36
CA THR A 360 -41.10 11.53 -44.20
CA PRO A 361 -38.23 11.27 -41.61
CA LYS A 362 -39.59 12.35 -38.20
CA VAL A 363 -37.13 13.16 -35.42
CA THR A 364 -38.38 12.65 -31.87
CA CYS A 365 -37.62 14.17 -28.50
CA VAL A 366 -39.57 13.19 -25.40
CA VAL A 367 -39.59 14.17 -21.69
CA VAL A 368 -40.00 11.60 -18.85
CA ASP A 369 -40.23 12.73 -15.18
CA ILE A 370 -43.55 14.64 -15.44
CA SER A 371 -45.90 14.92 -12.45
CA LYS A 372 -49.42 16.31 -12.03
CA ASP A 373 -48.07 19.85 -12.46
CA ASP A 374 -45.72 20.15 -15.48
CA PRO A 375 -47.65 22.02 -18.26
CA GLU A 376 -47.95 21.17 -21.63
CA VAL A 377 -44.22 21.82 -21.92
CA GLN A 378 -44.09 23.86 -25.06
CA PHE A 379 -41.65 22.08 -27.41
CA SER A 380 -39.60 24.10 -29.92
CA TRP A 381 -36.98 22.87 -32.42
CA PHE A 382 -33.85 24.43 -33.98
CA VAL A 383 -32.53 23.27 -37.38
CA ASP A 384 -29.14 25.08 -37.17
CA ASP A 385 -29.88 28.09 -34.95
CA VAL A 386 -33.15 28.79 -36.77
CA GLU A 387 -36.30 27.73 -35.14
CA VAL A 388 -39.32 26.17 -36.97
CA HIS A 389 -42.95 25.00 -36.75
CA THR A 390 -42.97 21.29 -35.85
CA ALA A 391 -46.39 19.91 -36.98
CA GLN A 392 -48.19 20.44 -33.63
CA THR A 393 -46.24 17.31 -32.66
CA GLN A 394 -47.60 17.01 -29.14
CA PRO A 395 -49.56 13.79 -28.41
CA ARG A 396 -48.17 14.50 -24.94
CA GLU A 397 -48.94 13.22 -21.42
CA GLU A 398 -49.48 9.50 -20.95
CA GLN A 399 -50.07 8.28 -17.40
CA PHE A 400 -47.08 5.90 -17.19
CA ASN A 401 -45.50 4.00 -14.23
CA SER A 402 -46.28 6.96 -11.93
CA THR A 403 -45.33 9.88 -14.20
CA PHE A 404 -46.41 11.07 -17.69
CA ARG A 405 -44.54 11.40 -21.02
CA SER A 406 -44.80 14.23 -23.57
CA VAL A 407 -43.85 13.40 -27.16
CA SER A 408 -42.70 15.70 -29.99
CA GLU A 409 -42.41 13.81 -33.34
CA LEU A 410 -41.44 16.63 -35.75
CA PRO A 411 -41.06 15.55 -39.40
CA ILE A 412 -38.23 16.95 -41.52
CA MET A 413 -36.83 16.91 -45.06
CA HIS A 414 -34.63 13.91 -45.97
CA GLN A 415 -31.75 15.87 -47.47
CA ASP A 416 -31.53 18.00 -44.24
CA TRP A 417 -30.37 15.15 -42.01
CA LEU A 418 -28.49 13.66 -44.97
CA ASN A 419 -26.58 16.89 -45.47
CA GLY A 420 -25.96 16.91 -41.72
CA LYS A 421 -28.05 19.45 -39.78
CA GLU A 422 -28.48 19.77 -35.95
CA PHE A 423 -31.80 19.36 -34.08
CA LYS A 424 -32.32 21.36 -30.86
CA CYS A 425 -35.50 20.66 -28.92
CA ARG A 426 -35.89 23.72 -26.62
CA VAL A 427 -38.61 23.41 -24.01
CA ASN A 428 -39.94 25.63 -21.22
CA SER A 429 -42.04 24.80 -18.18
CA ALA A 430 -42.86 26.31 -14.77
CA ALA A 431 -40.73 23.85 -12.75
CA PHE A 432 -37.75 23.98 -15.19
CA PRO A 433 -34.63 25.70 -13.75
CA ALA A 434 -33.44 26.22 -17.33
CA PRO A 435 -35.04 25.81 -20.83
CA ILE A 436 -33.14 22.64 -21.82
CA GLU A 437 -32.57 21.26 -25.34
CA LYS A 438 -30.50 18.64 -27.19
CA THR A 439 -29.49 18.21 -30.82
CA ILE A 440 -29.12 15.03 -32.87
CA SER A 441 -27.07 15.71 -36.06
CA LYS A 442 -25.60 12.55 -37.66
CA THR A 443 -22.96 9.82 -37.34
CA LYS A 444 -20.22 11.76 -39.15
CA GLY A 445 -17.38 10.83 -41.44
CA ARG A 446 -17.08 9.68 -45.04
CA PRO A 447 -19.84 7.08 -45.83
CA LYS A 448 -18.81 3.53 -46.74
CA ALA A 449 -21.14 1.11 -48.52
CA PRO A 450 -21.64 -2.42 -47.09
CA GLN A 451 -20.21 -5.19 -49.30
CA LEU A 452 -23.37 -7.24 -48.46
CA TYR A 453 -23.24 -10.95 -49.27
CA THR A 454 -25.37 -14.03 -48.88
CA ILE A 455 -24.66 -17.43 -47.34
CA PRO A 456 -27.18 -20.28 -47.71
CA PRO A 457 -27.62 -22.95 -44.97
CA PRO A 458 -24.39 -24.85 -44.06
CA LYS A 459 -23.60 -28.50 -44.96
CA GLU A 460 -23.79 -29.71 -41.37
CA GLN A 461 -27.28 -28.21 -40.99
CA MET A 462 -29.22 -29.76 -43.86
CA ALA A 463 -31.22 -32.52 -42.17
CA LYS A 464 -32.86 -30.20 -39.65
CA ASP A 465 -36.50 -29.11 -39.80
CA LYS A 466 -35.64 -25.44 -40.42
CA VAL A 467 -32.52 -23.69 -41.72
CA SER A 468 -30.67 -20.39 -41.51
CA LEU A 469 -29.56 -18.27 -44.45
CA THR A 470 -27.58 -15.31 -43.18
CA CYS A 471 -27.07 -12.01 -45.01
CA MET A 472 -23.57 -10.79 -44.31
CA ILE A 473 -23.20 -7.02 -44.72
CA THR A 474 -19.73 -5.72 -43.91
CA ASP A 475 -17.29 -2.83 -43.64
CA PHE A 476 -19.76 0.03 -44.07
CA PHE A 477 -20.30 3.39 -42.37
CA PRO A 478 -22.16 4.49 -40.49
CA GLU A 479 -24.48 2.18 -38.55
CA ASP A 480 -27.36 4.08 -40.14
CA ILE A 481 -28.58 1.14 -42.21
CA THR A 482 -31.63 -1.14 -42.42
CA VAL A 483 -32.24 -4.72 -43.62
CA GLU A 484 -35.09 -6.89 -44.95
CA TRP A 485 -35.48 -10.26 -46.69
CA GLN A 486 -38.03 -11.45 -49.32
CA TRP A 487 -38.93 -15.20 -49.71
CA ASN A 488 -40.96 -15.65 -52.74
CA GLY A 489 -40.98 -12.16 -54.07
CA GLN A 490 -42.36 -10.07 -51.16
CA PRO A 491 -42.16 -9.28 -47.33
CA ALA A 492 -41.25 -12.25 -45.11
CA GLU A 493 -41.16 -13.05 -41.23
CA ASN A 494 -38.43 -14.59 -39.04
CA TYR A 495 -35.45 -12.63 -40.22
CA LYS A 496 -33.57 -11.01 -37.34
CA ASN A 497 -30.80 -8.45 -37.50
CA THR A 498 -27.79 -8.18 -35.24
CA GLN A 499 -26.68 -4.77 -34.06
CA PRO A 500 -23.90 -2.83 -35.86
CA ILE A 501 -20.58 -3.63 -34.24
CA MET A 502 -17.32 -1.93 -35.08
CA ASN A 503 -14.86 -4.30 -36.77
CA THR A 504 -11.03 -4.08 -36.78
CA ASN A 505 -10.38 -1.23 -39.27
CA GLY A 506 -13.09 1.05 -37.88
CA SER A 507 -15.90 -0.13 -40.13
CA TYR A 508 -19.06 -2.07 -39.23
CA PHE A 509 -20.93 -5.20 -40.31
CA VAL A 510 -24.24 -6.91 -39.63
CA TYR A 511 -25.75 -10.37 -40.03
CA SER A 512 -29.34 -11.01 -40.98
CA LYS A 513 -30.66 -14.51 -40.44
CA LEU A 514 -33.60 -15.91 -42.40
CA ASN A 515 -35.44 -18.99 -41.16
CA VAL A 516 -37.36 -21.44 -43.34
CA GLN A 517 -38.04 -25.14 -43.93
CA LYS A 518 -36.27 -27.59 -46.29
CA SER A 519 -39.32 -27.92 -48.52
CA ASN A 520 -39.29 -24.14 -49.05
CA TRP A 521 -35.53 -23.91 -49.67
CA GLU A 522 -35.08 -26.94 -51.93
CA ALA A 523 -38.15 -25.82 -53.87
CA GLY A 524 -36.13 -23.07 -55.30
CA ASN A 525 -38.42 -20.45 -54.12
CA THR A 526 -35.90 -17.67 -54.12
CA PHE A 527 -35.06 -15.41 -51.15
CA THR A 528 -33.70 -11.85 -51.25
CA CYS A 529 -31.83 -9.62 -48.82
CA SER A 530 -32.26 -5.85 -49.31
CA VAL A 531 -29.94 -3.40 -47.59
CA LEU A 532 -30.40 0.36 -47.27
CA HIS A 533 -27.41 2.53 -46.54
CA GLU A 534 -26.60 6.07 -47.68
CA GLY A 535 -23.27 5.12 -49.26
CA LEU A 536 -25.28 2.89 -51.59
CA HIS A 537 -26.10 3.48 -55.23
CA ASN A 538 -29.32 5.49 -55.00
CA HIS A 539 -29.40 4.71 -51.30
CA HIS A 540 -29.95 0.99 -51.86
CA THR A 541 -28.69 -2.45 -52.96
CA GLU A 542 -29.82 -6.07 -52.70
CA LYS A 543 -28.56 -9.58 -53.38
CA SER A 544 -30.37 -12.90 -53.79
CA LEU A 545 -30.06 -16.59 -52.87
CA SER A 546 -31.62 -19.49 -54.74
CA HIS A 547 -31.31 -23.29 -54.71
CA SER A 548 -31.09 -25.83 -57.49
CA PRO A 549 -33.37 -28.84 -57.35
CA GLY A 550 -31.42 -32.05 -58.17
CA LYS A 551 -33.19 -35.34 -58.76
CA ASP B 1 -44.71 135.41 -107.55
CA HIS B 2 -40.96 135.39 -107.97
CA CYS B 3 -38.85 132.45 -106.89
CA PRO B 4 -35.17 131.72 -107.34
CA ALA B 5 -34.11 127.92 -108.18
CA PRO B 6 -31.63 124.95 -108.10
CA SER B 7 -31.85 121.07 -108.11
CA GLN B 8 -31.38 119.83 -104.45
CA LEU B 9 -28.63 117.40 -103.27
CA PRO B 10 -31.01 114.12 -102.69
CA SER B 11 -33.12 113.97 -105.86
CA ALA B 12 -33.86 115.87 -109.05
CA LYS B 13 -36.27 118.77 -109.54
CA PRO B 14 -38.40 119.23 -112.59
CA ILE B 15 -38.62 121.66 -114.47
CA ASN B 16 -35.25 123.06 -113.21
CA LEU B 17 -35.00 126.76 -113.94
CA THR B 18 -33.08 129.70 -112.44
CA ASP B 19 -33.24 133.16 -112.73
CA GLU B 20 -35.98 135.13 -114.39
CA SER B 21 -38.42 136.34 -111.71
CA MET B 22 -41.90 134.74 -111.13
CA PHE B 23 -44.43 137.64 -110.97
CA PRO B 24 -47.65 135.46 -110.29
CA ILE B 25 -47.63 132.74 -107.54
CA GLY B 26 -47.84 130.03 -109.84
CA THR B 27 -45.42 127.79 -111.68
CA TYR B 28 -44.93 124.35 -110.32
CA LEU B 29 -41.83 122.22 -109.59
CA LEU B 30 -41.59 118.57 -108.50
CA TYR B 31 -38.83 116.92 -106.39
CA GLU B 32 -38.27 113.10 -106.89
CA CYS B 33 -35.69 110.84 -105.39
CA LEU B 34 -33.09 109.49 -107.81
CA PRO B 35 -33.58 105.88 -108.92
CA GLY B 36 -32.39 103.68 -106.07
CA TYR B 37 -33.31 106.07 -103.29
CA ILE B 38 -36.58 106.49 -101.44
CA LYS B 39 -38.09 109.04 -99.12
CA ARG B 40 -40.47 110.31 -101.17
CA GLN B 41 -41.95 113.96 -101.44
CA PHE B 42 -42.81 117.27 -103.22
CA SER B 43 -43.72 120.80 -102.18
CA ILE B 44 -45.07 123.82 -103.86
CA THR B 45 -42.39 125.86 -105.04
CA CYS B 46 -43.78 129.24 -106.41
CA LYS B 47 -45.83 131.66 -104.25
CA GLN B 48 -46.43 135.38 -104.69
CA ASP B 49 -43.82 136.21 -102.06
CA SER B 50 -41.06 134.60 -104.11
CA THR B 51 -39.98 132.26 -101.25
CA TRP B 52 -39.98 128.50 -101.82
CA THR B 53 -41.51 126.84 -98.72
CA SER B 54 -39.87 124.39 -96.32
CA ALA B 55 -38.82 121.09 -97.96
CA GLU B 56 -39.03 118.02 -95.88
CA ASP B 57 -38.02 115.54 -98.60
CA LYS B 58 -35.32 113.25 -97.24
CA CYS B 59 -33.79 110.84 -99.57
CA ILE B 60 -30.97 109.53 -97.15
CA ARG B 61 -31.14 107.58 -93.63
CA LYS B 62 -29.04 106.13 -90.60
CA GLN B 63 -30.26 103.60 -87.67
CA CYS B 64 -29.02 102.73 -83.84
CA LYS B 65 -25.46 102.47 -82.31
CA THR B 66 -24.16 98.97 -81.43
CA PRO B 67 -25.14 97.75 -77.83
CA SER B 68 -22.20 96.41 -75.46
CA ASP B 69 -23.46 95.33 -71.91
CA PRO B 70 -20.73 94.66 -69.05
CA GLU B 71 -21.75 92.09 -66.30
CA ASN B 72 -24.96 91.30 -67.97
CA GLY B 73 -26.74 90.22 -71.02
CA LEU B 74 -28.57 92.07 -73.81
CA VAL B 75 -31.44 90.37 -75.72
CA HIS B 76 -31.76 91.55 -79.36
CA VAL B 77 -31.22 90.97 -83.07
CA HIS B 78 -30.16 93.63 -85.70
CA THR B 79 -33.98 93.42 -86.51
CA GLY B 80 -34.00 94.00 -82.76
CA ILE B 81 -31.49 97.13 -83.08
CA GLU B 82 -32.64 98.90 -86.31
CA PHE B 83 -35.64 101.17 -86.10
CA GLY B 84 -38.07 100.30 -84.63
CA SER B 85 -36.71 97.38 -82.61
CA ARG B 86 -36.52 96.95 -78.86
CA ILE B 87 -33.64 95.52 -76.91
CA ASN B 88 -33.87 94.24 -73.31
CA TYR B 89 -31.26 94.01 -70.54
CA THR B 90 -30.49 91.98 -67.44
CA CYS B 91 -27.60 91.53 -65.07
CA ASN B 92 -25.43 88.68 -63.93
CA GLN B 93 -25.73 87.20 -60.41
CA GLY B 94 -24.47 89.79 -58.03
CA TYR B 95 -25.16 92.85 -60.24
CA ARG B 96 -28.39 95.08 -60.48
CA LEU B 97 -29.49 97.05 -63.51
CA ILE B 98 -28.85 100.70 -62.98
CA GLY B 99 -31.29 102.07 -65.59
CA SER B 100 -34.31 100.88 -67.70
CA SER B 101 -34.48 97.21 -68.54
CA SER B 102 -35.58 97.85 -72.09
CA ALA B 103 -34.89 100.35 -74.84
CA VAL B 104 -36.29 101.10 -78.29
CA CYS B 105 -34.53 102.32 -81.35
CA VAL B 106 -36.14 105.68 -82.53
CA ILE B 107 -35.86 107.70 -85.92
CA THR B 108 -36.64 110.48 -88.30
CA ASP B 109 -34.12 110.82 -91.28
CA GLN B 110 -31.52 107.81 -91.16
CA SER B 111 -30.29 109.19 -87.71
CA VAL B 112 -31.34 106.93 -84.78
CA ASP B 113 -31.21 107.03 -80.86
CA TRP B 114 -31.83 104.51 -77.83
CA ASP B 115 -34.77 106.12 -76.53
CA THR B 116 -34.31 105.92 -72.72
CA GLU B 117 -30.58 105.63 -72.53
CA ALA B 118 -28.65 102.37 -72.08
CA PRO B 119 -28.10 100.83 -68.58
CA ILE B 120 -25.02 99.48 -66.72
CA CYS B 121 -23.95 97.28 -63.72
CA GLU B 122 -22.06 94.63 -61.55
CA TRP B 123 -21.94 90.78 -60.70
CA ILE B 124 -22.42 88.57 -57.70
CA PRO B 125 -20.22 86.45 -55.30
CA CYS B 126 -21.15 82.95 -54.24
CA GLU B 127 -24.52 81.55 -52.78
CA ILE B 128 -25.13 78.54 -50.36
CA PRO B 129 -22.93 75.37 -51.27
CA PRO B 130 -24.69 72.28 -52.95
CA GLY B 131 -26.54 70.23 -50.26
CA ILE B 132 -28.66 67.39 -51.91
CA PRO B 133 -26.78 64.26 -51.56
CA ASN B 134 -24.25 66.01 -49.30
CA GLY B 135 -23.81 64.77 -45.66
CA ASP B 136 -23.86 67.95 -43.42
CA PHE B 137 -23.17 71.75 -43.25
CA PHE B 138 -20.53 73.21 -40.72
CA SER B 139 -17.12 75.25 -40.87
CA SER B 140 -16.96 79.31 -41.02
CA THR B 141 -19.84 79.33 -43.66
CA ARG B 142 -23.33 80.17 -42.14
CA GLU B 143 -25.21 83.05 -44.01
CA ASP B 144 -22.69 85.88 -45.05
CA PHE B 145 -21.43 84.06 -48.29
CA HIS B 146 -18.87 86.17 -50.36
CA TYR B 147 -15.83 84.24 -51.99
CA GLY B 148 -13.02 81.71 -50.92
CA MET B 149 -14.98 80.49 -47.78
CA VAL B 150 -14.37 76.70 -47.13
CA VAL B 151 -17.30 74.35 -46.13
CA THR B 152 -16.59 70.84 -44.63
CA TYR B 153 -19.38 68.08 -44.80
CA ARG B 154 -20.42 64.96 -42.54
CA CYS B 155 -23.81 62.89 -42.23
CA ASN B 156 -27.60 62.46 -41.65
CA THR B 157 -28.54 59.32 -39.53
CA ASP B 158 -32.05 58.26 -38.24
CA ALA B 159 -32.35 58.03 -34.33
CA ARG B 160 -32.19 54.16 -34.78
CA GLY B 161 -28.33 54.66 -35.58
CA LYS B 162 -28.41 53.69 -39.34
CA ALA B 163 -27.25 56.21 -42.07
CA LEU B 164 -29.43 57.46 -44.91
CA PHE B 165 -26.73 59.97 -46.28
CA ASN B 166 -22.88 60.62 -45.54
CA LEU B 167 -20.10 61.91 -47.83
CA VAL B 168 -17.38 59.59 -49.27
CA GLY B 169 -15.21 61.71 -51.71
CA GLU B 170 -14.22 65.45 -51.29
CA PRO B 171 -14.79 66.05 -47.37
CA SER B 172 -14.39 69.90 -47.95
CA LEU B 173 -15.28 72.37 -50.85
CA TYR B 174 -14.69 76.20 -51.36
CA CYS B 175 -16.30 79.20 -53.24
CA THR B 176 -14.70 79.63 -56.76
CA SER B 177 -15.51 81.25 -60.24
CA ASN B 178 -15.91 79.52 -63.75
CA ASP B 179 -18.76 81.66 -65.48
CA GLY B 180 -18.72 85.29 -63.88
CA GLU B 181 -22.53 85.40 -63.21
CA ILE B 182 -22.86 81.70 -61.94
CA GLY B 183 -19.49 81.45 -59.97
CA VAL B 184 -19.35 77.72 -58.98
CA TRP B 185 -18.48 75.81 -55.84
CA SER B 186 -15.89 73.00 -56.75
CA GLY B 187 -18.89 70.60 -56.94
CA PRO B 188 -21.30 68.01 -55.38
CA PRO B 189 -19.00 64.78 -55.59
CA PRO B 190 -19.86 64.36 -51.75
CA GLN B 191 -21.99 61.11 -51.87
CA CYS B 192 -23.40 59.04 -49.07
CA ILE B 193 -25.26 55.76 -49.29
CA GLU B 194 -29.14 55.19 -49.88
CA LEU B 195 -32.03 52.63 -50.07
CA ASN B 196 -35.84 53.21 -49.44
CA LYS B 197 -38.82 50.71 -50.24
CA CYS B 198 -42.09 49.17 -48.62
CA THR B 199 -43.49 46.44 -50.66
CA PRO B 200 -45.80 43.61 -52.12
CA PRO B 201 -47.94 41.81 -49.47
CA PRO B 202 -47.25 38.08 -48.88
CA TYR B 203 -48.48 35.26 -51.10
CA VAL B 204 -50.41 32.31 -49.74
CA GLU B 205 -51.43 28.89 -50.90
CA ASN B 206 -55.05 29.42 -49.82
CA ALA B 207 -55.46 33.21 -50.12
CA VAL B 208 -55.23 35.42 -53.21
CA MET B 209 -54.75 39.17 -52.79
CA LEU B 210 -55.11 40.01 -56.52
CA SER B 211 -52.97 42.34 -58.78
CA GLU B 212 -54.46 44.88 -56.39
CA ASN B 213 -50.61 44.54 -55.88
CA ARG B 214 -48.60 47.75 -55.93
CA SER B 215 -44.80 48.21 -55.67
CA LEU B 216 -45.04 50.45 -52.60
CA PHE B 217 -47.71 50.67 -49.88
CA SER B 218 -48.18 53.49 -47.39
CA LEU B 219 -47.93 53.04 -43.64
CA ARG B 220 -51.49 52.33 -42.50
CA ASP B 221 -52.44 50.91 -45.87
CA ILE B 222 -54.63 47.81 -45.71
CA VAL B 223 -54.69 44.87 -48.12
CA GLU B 224 -57.43 42.24 -48.24
CA PHE B 225 -57.30 38.68 -49.52
CA ARG B 226 -59.78 36.12 -50.69
CA CYS B 227 -59.94 32.41 -50.55
CA HIS B 228 -58.61 30.87 -53.70
CA PRO B 229 -61.30 29.16 -55.81
CA GLY B 230 -61.38 25.69 -54.29
CA PHE B 231 -61.63 27.20 -50.80
CA ILE B 232 -64.27 27.86 -48.18
CA MET B 233 -63.83 30.81 -45.79
CA LYS B 234 -64.66 30.36 -42.16
CA GLY B 235 -63.90 33.64 -39.86
CA ALA B 236 -61.67 36.69 -40.78
CA SER B 237 -58.31 38.16 -42.31
CA SER B 238 -56.65 41.52 -43.68
CA VAL B 239 -53.06 42.99 -43.17
CA HIS B 240 -51.56 46.42 -42.72
CA CYS B 241 -48.32 48.26 -43.30
CA GLN B 242 -46.60 49.24 -40.05
CA SER B 243 -43.51 51.18 -38.88
CA LEU B 244 -40.83 48.71 -39.79
CA ASN B 245 -42.72 49.20 -43.11
CA LYS B 246 -43.54 45.51 -42.71
CA TRP B 247 -46.94 43.81 -42.92
CA GLU B 248 -48.74 42.63 -39.81
CA PRO B 249 -48.64 38.85 -39.52
CA GLU B 250 -51.22 36.51 -41.03
CA LEU B 251 -51.80 32.81 -40.29
CA PRO B 252 -55.33 32.25 -42.16
CA SER B 253 -57.08 28.94 -43.21
CA CYS B 254 -59.71 30.44 -45.58
CA PHE B 255 -60.85 27.11 -46.73
CA LYS B 256 -62.06 26.75 -43.07
CA GLY B 257 -60.02 29.34 -41.70
CA VAL B 258 -59.07 27.76 -38.44
CA ILE B 259 -61.63 26.08 -36.43
CA CYS B 260 -59.98 23.98 -33.83
CA ARG B 261 -56.65 23.21 -32.22
CA LEU B 262 -56.43 19.42 -32.66
CA PRO B 263 -58.17 16.50 -31.01
CA GLN B 264 -54.91 15.10 -29.60
CA GLU B 265 -54.55 12.90 -26.50
CA MET B 266 -52.13 10.78 -24.43
CA SER B 267 -51.36 7.79 -26.69
CA GLY B 268 -55.09 7.68 -27.51
CA PHE B 269 -55.49 9.77 -30.69
CA GLN B 270 -58.46 9.33 -32.99
CA LYS B 271 -58.78 7.34 -36.23
CA GLY B 272 -62.28 8.12 -37.56
CA LEU B 273 -62.80 11.65 -38.93
CA GLY B 274 -59.70 13.73 -38.14
CA MET B 275 -58.28 16.65 -40.15
CA LYS B 276 -55.59 19.36 -39.98
CA LYS B 277 -55.22 23.28 -39.06
CA GLU B 278 -56.69 24.50 -42.25
CA TYR B 279 -59.56 21.96 -41.55
CA TYR B 280 -62.55 24.08 -40.55
CA TYR B 281 -65.87 21.90 -40.89
CA GLY B 282 -68.32 20.34 -38.00
CA GLU B 283 -66.21 17.22 -36.93
CA ASN B 284 -66.58 14.41 -34.38
CA VAL B 285 -63.31 12.51 -33.82
CA THR B 286 -63.39 8.99 -32.34
CA LEU B 287 -60.40 8.37 -30.07
CA GLU B 288 -58.49 5.11 -30.52
CA CYS B 289 -56.49 4.37 -27.36
CA GLU B 290 -52.96 3.42 -28.50
CA ASP B 291 -52.83 -0.09 -27.01
CA GLY B 292 -53.67 -1.70 -23.64
CA TYR B 293 -55.05 1.59 -22.27
CA THR B 294 -58.45 3.12 -21.39
CA LEU B 295 -59.47 6.53 -22.78
CA GLU B 296 -60.10 8.39 -19.51
CA GLY B 297 -62.57 11.06 -20.67
CA SER B 298 -64.38 10.45 -23.98
CA SER B 299 -63.47 8.06 -26.83
CA GLN B 300 -65.61 10.22 -29.14
CA SER B 301 -65.39 14.03 -29.19
CA GLN B 302 -66.30 16.78 -31.65
CA CYS B 303 -64.75 20.17 -32.40
CA GLN B 304 -67.38 22.47 -30.89
CA SER B 305 -67.43 26.36 -30.43
CA ASP B 306 -64.17 28.51 -29.54
CA GLY B 307 -61.71 25.80 -30.51
CA SER B 308 -61.57 23.32 -27.53
CA TRP B 309 -62.44 19.57 -28.44
CA ASN B 310 -65.76 18.87 -26.91
CA PRO B 311 -65.94 16.17 -24.56
CA LEU B 312 -62.60 17.01 -23.04
CA LEU B 313 -60.28 14.82 -25.15
CA ALA B 314 -60.03 11.30 -23.80
CA LYS B 315 -57.05 10.01 -22.01
CA CYS B 316 -55.12 6.88 -22.59
CA VAL B 317 -53.35 9.23 -20.14
CA SER B 318 -53.61 12.44 -17.77
CA ARG B 319 -56.29 12.83 -14.90
CA LEU B 320 -55.83 10.64 -11.69
CA ALA B 321 -53.18 12.88 -10.13
CA ASP B 322 -52.14 14.18 -6.54
CA PRO B 323 -49.79 17.05 -5.16
CA GLU B 324 -48.79 19.82 -3.06
CA VAL B 325 -47.06 20.06 0.33
CA PRO B 326 -47.99 22.48 3.49
CA ARG B 327 -46.05 26.02 3.99
CA ASP B 328 -44.29 25.97 7.58
CA CYS B 329 -42.58 28.87 9.66
CA GLY B 330 -38.78 29.98 9.26
CA CYS B 331 -36.61 29.57 6.12
CA LYS B 332 -36.66 26.23 3.95
CA PRO B 333 -38.87 23.53 5.92
CA CYS B 334 -39.65 20.78 3.23
CA ILE B 335 -39.71 16.95 3.94
CA CYS B 336 -36.16 15.99 2.40
CA THR B 337 -33.71 14.72 5.41
CA VAL B 338 -31.00 12.54 3.36
CA PRO B 339 -31.54 13.86 -0.37
CA GLU B 340 -29.38 11.35 -2.57
CA VAL B 341 -28.70 7.91 -0.71
CA SER B 342 -25.91 5.81 -2.23
CA SER B 343 -27.22 2.85 -4.15
CA VAL B 344 -25.40 -0.45 -4.74
CA PHE B 345 -25.44 -2.70 -7.80
CA ILE B 346 -24.49 -6.33 -7.83
CA PHE B 347 -23.15 -7.68 -11.14
CA PRO B 348 -22.91 -11.37 -12.22
CA PRO B 349 -19.59 -13.07 -13.09
CA LYS B 350 -18.46 -13.48 -16.70
CA PRO B 351 -19.67 -16.78 -18.23
CA LYS B 352 -16.08 -17.57 -19.25
CA ASP B 353 -15.00 -17.43 -15.61
CA VAL B 354 -17.79 -19.78 -14.52
CA LEU B 355 -16.82 -22.16 -17.34
CA THR B 356 -13.01 -22.27 -17.63
CA ILE B 357 -12.11 -24.36 -14.55
CA THR B 358 -8.70 -22.75 -13.90
CA LEU B 359 -10.41 -19.33 -13.79
CA THR B 360 -12.18 -18.24 -10.59
CA PRO B 361 -15.66 -16.65 -11.02
CA LYS B 362 -15.77 -13.37 -9.07
CA VAL B 363 -19.12 -11.74 -8.39
CA THR B 364 -19.07 -7.98 -7.93
CA CYS B 365 -21.22 -5.47 -6.04
CA VAL B 366 -20.35 -1.76 -5.98
CA VAL B 367 -21.72 1.42 -4.41
CA VAL B 368 -21.89 4.77 -6.23
CA ASP B 369 -23.14 7.95 -4.47
CA ILE B 370 -20.31 8.26 -1.92
CA SER B 371 -19.19 11.62 -0.55
CA LYS B 372 -16.27 12.73 1.63
CA ASP B 373 -17.94 11.08 4.63
CA ASP B 374 -19.13 7.52 3.86
CA PRO B 375 -16.46 5.34 5.55
CA GLU B 376 -15.13 2.02 4.24
CA VAL B 377 -18.83 0.89 4.15
CA GLN B 378 -17.96 -2.68 5.28
CA PHE B 379 -19.10 -5.16 2.64
CA SER B 380 -20.44 -8.59 3.64
CA TRP B 381 -21.81 -11.38 1.44
CA PHE B 382 -24.41 -14.16 1.92
CA VAL B 383 -24.31 -17.41 -0.08
CA ASP B 384 -27.78 -18.68 0.90
CA ASP B 385 -28.34 -17.12 4.33
CA VAL B 386 -24.82 -17.94 5.38
CA GLU B 387 -22.28 -15.29 5.28
CA VAL B 388 -18.61 -15.69 4.28
CA HIS B 389 -15.13 -14.10 4.05
CA THR B 390 -14.83 -12.38 0.67
CA ALA B 391 -11.09 -12.02 -0.08
CA GLN B 392 -10.63 -8.54 1.43
CA THR B 393 -12.26 -7.47 -1.84
CA GLN B 394 -12.17 -3.75 -1.17
CA PRO B 395 -10.10 -1.69 -3.67
CA ARG B 396 -12.71 0.92 -2.68
CA GLU B 397 -13.05 4.71 -3.10
CA GLU B 398 -12.11 6.20 -6.46
CA GLN B 399 -12.57 9.97 -6.86
CA PHE B 400 -15.06 9.83 -9.75
CA ASN B 401 -17.24 12.55 -11.40
CA SER B 402 -17.77 14.20 -8.00
CA THR B 403 -18.32 11.08 -5.84
CA PHE B 404 -16.33 7.90 -5.08
CA ARG B 405 -16.94 4.20 -5.77
CA SER B 406 -16.26 1.24 -3.47
CA VAL B 407 -15.79 -2.15 -5.14
CA SER B 408 -16.23 -5.67 -3.70
CA GLU B 409 -15.04 -8.38 -6.16
CA LEU B 410 -15.56 -11.60 -4.13
CA PRO B 411 -14.49 -14.82 -5.89
CA ILE B 412 -16.63 -17.95 -5.60
CA MET B 413 -16.70 -21.62 -6.57
CA HIS B 414 -17.92 -22.39 -10.10
CA GLN B 415 -20.37 -25.11 -9.13
CA ASP B 416 -22.03 -22.75 -6.61
CA TRP B 417 -23.42 -20.36 -9.19
CA LEU B 418 -23.91 -23.26 -11.58
CA ASN B 419 -26.00 -25.08 -9.01
CA GLY B 420 -27.86 -21.84 -8.47
CA LYS B 421 -27.02 -20.03 -5.22
CA GLU B 422 -28.00 -16.45 -4.15
CA PHE B 423 -25.51 -13.64 -3.43
CA LYS B 424 -26.42 -11.00 -0.81
CA CYS B 425 -24.06 -8.07 -0.41
CA ARG B 426 -24.99 -6.59 3.02
CA VAL B 427 -23.28 -3.29 3.81
CA ASN B 428 -23.39 -0.86 6.72
CA SER B 429 -22.36 2.79 6.96
CA ALA B 430 -23.02 5.80 9.21
CA ALA B 431 -25.29 7.64 6.75
CA PHE B 432 -27.20 4.46 5.78
CA PRO B 433 -30.86 4.45 7.01
CA ALA B 434 -30.82 0.65 6.53
CA PRO B 435 -28.09 -2.00 5.86
CA ILE B 436 -29.01 -2.72 2.22
CA GLU B 437 -28.09 -5.82 0.15
CA LYS B 438 -28.95 -7.48 -3.17
CA THR B 439 -28.57 -11.02 -4.48
CA ILE B 440 -27.71 -12.25 -7.98
CA SER B 441 -28.61 -15.97 -8.34
CA LYS B 442 -28.92 -17.15 -11.99
CA THR B 443 -31.06 -16.97 -15.17
CA LYS B 444 -33.32 -19.96 -14.38
CA GLY B 445 -34.92 -21.80 -17.41
CA ARG B 446 -33.92 -25.19 -18.95
CA PRO B 447 -30.45 -24.78 -20.66
CA LYS B 448 -30.20 -25.29 -24.45
CA ALA B 449 -26.89 -25.96 -26.18
CA PRO B 450 -25.93 -23.89 -29.26
CA GLN B 451 -25.83 -25.93 -32.50
CA LEU B 452 -22.65 -23.98 -33.44
CA TYR B 453 -21.57 -24.12 -37.09
CA THR B 454 -18.91 -22.65 -39.35
CA ILE B 455 -19.14 -20.79 -42.61
CA PRO B 456 -15.98 -20.00 -44.60
CA PRO B 457 -15.70 -16.85 -46.78
CA PRO B 458 -18.43 -16.51 -49.50
CA LYS B 459 -17.93 -16.99 -53.27
CA GLU B 460 -18.52 -13.31 -54.06
CA GLN B 461 -15.81 -12.26 -51.57
CA MET B 462 -12.78 -14.25 -52.73
CA ALA B 463 -10.73 -11.63 -54.59
CA LYS B 464 -10.59 -9.20 -51.65
CA ASP B 465 -7.49 -8.56 -49.54
CA LYS B 466 -9.07 -9.99 -46.37
CA VAL B 467 -11.98 -12.39 -45.74
CA SER B 468 -14.62 -13.21 -43.17
CA LEU B 469 -15.29 -16.65 -41.73
CA THR B 470 -18.28 -16.47 -39.40
CA CYS B 471 -19.06 -18.88 -36.61
CA MET B 472 -22.80 -19.33 -36.42
CA ILE B 473 -24.02 -20.45 -32.96
CA THR B 474 -27.78 -20.82 -32.69
CA ASP B 475 -30.85 -21.71 -30.66
CA PHE B 476 -29.21 -21.95 -27.24
CA PHE B 477 -30.11 -20.76 -23.75
CA PRO B 478 -29.24 -18.66 -21.98
CA GLU B 479 -27.10 -15.80 -23.33
CA ASP B 480 -24.50 -16.86 -20.79
CA ILE B 481 -22.01 -18.04 -23.41
CA THR B 482 -18.55 -17.02 -24.70
CA VAL B 483 -16.65 -17.37 -27.98
CA GLU B 484 -13.07 -17.52 -29.31
CA TRP B 485 -11.31 -18.53 -32.53
CA GLN B 486 -7.94 -20.17 -33.15
CA TRP B 487 -5.84 -19.69 -36.28
CA ASN B 488 -2.91 -21.98 -36.62
CA GLY B 489 -3.56 -23.86 -33.27
CA GLN B 490 -3.73 -20.95 -30.71
CA PRO B 491 -5.45 -17.68 -29.64
CA ALA B 492 -5.84 -15.16 -32.53
CA GLU B 493 -7.06 -11.40 -32.95
CA ASN B 494 -9.78 -9.80 -35.14
CA TYR B 495 -12.66 -12.01 -34.21
CA LYS B 496 -15.67 -10.05 -33.01
CA ASN B 497 -18.85 -11.37 -31.42
CA THR B 498 -22.37 -10.07 -31.88
CA GLN B 499 -24.61 -9.79 -28.85
CA PRO B 500 -27.11 -12.56 -28.02
CA ILE B 501 -30.46 -11.78 -29.66
CA MET B 502 -33.62 -13.73 -29.09
CA ASN B 503 -34.76 -15.57 -32.22
CA THR B 504 -38.33 -16.64 -33.14
CA ASN B 505 -38.93 -19.65 -30.85
CA GLY B 506 -37.46 -18.03 -27.75
CA SER B 507 -33.90 -19.18 -28.21
CA TYR B 508 -30.77 -17.16 -29.06
CA PHE B 509 -27.90 -17.17 -31.54
CA VAL B 510 -24.62 -15.35 -32.09
CA TYR B 511 -22.22 -14.79 -34.99
CA SER B 512 -18.46 -14.66 -34.60
CA LYS B 513 -16.47 -13.19 -37.48
CA LEU B 514 -12.83 -14.02 -38.07
CA ASN B 515 -10.72 -11.82 -40.33
CA VAL B 516 -7.66 -13.01 -42.28
CA GLN B 517 -5.88 -12.77 -45.66
CA LYS B 518 -6.17 -15.06 -48.72
CA SER B 519 -2.60 -16.30 -48.30
CA ASN B 520 -3.44 -17.43 -44.76
CA TRP B 521 -6.76 -19.07 -45.74
CA GLU B 522 -5.71 -20.84 -48.95
CA ALA B 523 -2.61 -22.03 -47.10
CA GLY B 524 -4.74 -24.46 -45.28
CA ASN B 525 -3.74 -23.13 -41.93
CA THR B 526 -6.81 -24.29 -40.07
CA PHE B 527 -8.98 -22.04 -37.90
CA THR B 528 -11.14 -23.09 -34.94
CA CYS B 529 -14.14 -21.64 -33.15
CA SER B 530 -14.59 -22.60 -29.50
CA VAL B 531 -17.91 -22.02 -27.74
CA LEU B 532 -18.57 -22.21 -24.02
CA HIS B 533 -22.12 -22.67 -22.79
CA GLU B 534 -23.46 -24.57 -19.76
CA GLY B 535 -25.76 -26.81 -21.83
CA LEU B 536 -22.64 -28.12 -23.54
CA HIS B 537 -20.93 -31.44 -23.01
CA ASN B 538 -18.57 -30.72 -20.13
CA HIS B 539 -19.43 -27.06 -20.51
CA HIS B 540 -17.79 -26.82 -23.92
CA THR B 541 -17.69 -27.62 -27.65
CA GLU B 542 -15.79 -26.45 -30.75
CA LYS B 543 -15.80 -26.84 -34.53
CA SER B 544 -13.13 -26.18 -37.16
CA LEU B 545 -12.72 -24.79 -40.66
CA SER B 546 -9.99 -25.67 -43.14
CA HIS B 547 -9.30 -25.08 -46.83
CA SER B 548 -7.99 -27.34 -49.57
CA PRO B 549 -5.14 -26.09 -51.73
CA GLY B 550 -5.85 -26.81 -55.43
CA LYS B 551 -3.17 -26.34 -58.07
#